data_8P6W
#
_entry.id   8P6W
#
_cell.length_a   1.00
_cell.length_b   1.00
_cell.length_c   1.00
_cell.angle_alpha   90.00
_cell.angle_beta   90.00
_cell.angle_gamma   90.00
#
_symmetry.space_group_name_H-M   'P 1'
#
loop_
_entity.id
_entity.type
_entity.pdbx_description
1 polymer 'CDK-activating kinase assembly factor MAT1'
2 polymer Cyclin-H
3 polymer 'Cyclin-dependent kinase 7'
4 non-polymer ~{N}5-(6-azanylhexyl)-~{N}7-(phenylmethyl)-3-propan-2-yl-pyrazolo[1,5-a]pyrimidine-5,7-diamine
5 water water
#
loop_
_entity_poly.entity_id
_entity_poly.type
_entity_poly.pdbx_seq_one_letter_code
_entity_poly.pdbx_strand_id
1 'polypeptide(L)'
;SNAPVTFSTGIKMGQHISLAPIHKLEEALYEYQPLQIETYGPHVPELEMLGRLGYLNHVRAASPQDLAGGYTSSLACHRA
LQDAFSGLFWQPS
;
H
2 'polypeptide(L)'
;(ACE)MYHNSSQKRHWTFSSEEQLARLRADANRKFRCKAVANGKVLPNDPVFLEPHEEMTLCKYYEKRLLEFCSVFKPAM
PRSVVGTACMYFKRFYLNNSVMEYHPRIIMLTCAFLACKVDEFNVSSPQFVGNLRESPLGQEKALEQILEYELLLIQQLN
FHLIVHNPYRPFEGFLIDLKTRYPILENPEILRKTADDFLNRIALTDAYLLYTPSQIALTAILSSASRAGITMESYLSES
LMLKENRTCLSQLLDIMKSMRNLVKKYEPPRSEEVAVLKQKLERCHSAELALNVITKKRKGYEDDDYVSKKSKHEEEEWT
DDDLVESL
;
I
3 'polypeptide(L)'
;SNAMALDVKSRAKRYEKLDFLGEGQFATVYKARDKNTNQIVAIKKIKLGHRSEAKDGINRTALREIKLLQELSHPNIIGL
LDAFGHKSNISLVFDFMETDLEVIIKDNSLVLTPSHIKAYMLMTLQGLEYLHQHWILHRDLKPNNLLLDENGVLKLADFG
LAKSFGSPNRAYTHQVVTRWYRAPELLFGARMYGVGVDMWAVGCILAELLLRVPFLPGDSDLDQLTRIFETLGTPTEEQW
PDMCSLPDYVTFKSFPGIPLHHIFSAAGDDLLDLIQGLFLFNPCARITATQALKMKYFSNRPGPTPGCQLPRPNCPVETL
KEQSNPALAIKRKRTEALEQGGLPKKLIF
;
J
#
loop_
_chem_comp.id
_chem_comp.type
_chem_comp.name
_chem_comp.formula
ACE non-polymer 'ACETYL GROUP' 'C2 H4 O'
X2H non-polymer ~{N}5-(6-azanylhexyl)-~{N}7-(phenylmethyl)-3-propan-2-yl-pyrazolo[1,5-a]pyrimidine-5,7-diamine 'C22 H32 N6'
#
# COMPACT_ATOMS: atom_id res chain seq x y z
N ALA A 28 9.34 -33.33 9.67
CA ALA A 28 9.10 -32.64 8.42
C ALA A 28 7.65 -32.15 8.33
N LEU A 29 6.98 -32.15 9.48
CA LEU A 29 5.57 -31.76 9.55
C LEU A 29 5.46 -30.26 9.74
N TYR A 30 4.63 -29.63 8.94
CA TYR A 30 4.38 -28.20 9.11
C TYR A 30 3.58 -27.96 10.39
N GLU A 31 3.81 -26.80 10.99
CA GLU A 31 3.02 -26.34 12.12
C GLU A 31 2.92 -24.82 12.03
N TYR A 32 1.73 -24.29 12.34
CA TYR A 32 1.48 -22.88 12.18
C TYR A 32 2.05 -22.08 13.34
N GLN A 33 2.73 -20.99 13.02
CA GLN A 33 3.08 -19.98 14.00
C GLN A 33 2.69 -18.61 13.45
N PRO A 34 2.16 -17.73 14.28
CA PRO A 34 1.75 -16.40 13.79
C PRO A 34 2.95 -15.62 13.27
N LEU A 35 2.68 -14.74 12.31
CA LEU A 35 3.73 -13.86 11.82
C LEU A 35 4.20 -12.94 12.95
N GLN A 36 5.52 -12.85 13.10
CA GLN A 36 6.15 -12.10 14.19
C GLN A 36 6.71 -10.81 13.63
N ILE A 37 5.93 -9.73 13.72
CA ILE A 37 6.34 -8.41 13.24
C ILE A 37 6.08 -7.40 14.33
N GLU A 38 7.13 -6.72 14.77
CA GLU A 38 7.00 -5.76 15.85
C GLU A 38 6.34 -4.49 15.33
N THR A 39 5.30 -4.05 16.01
CA THR A 39 4.56 -2.85 15.60
C THR A 39 5.03 -1.59 16.31
N TYR A 40 5.80 -1.72 17.39
CA TYR A 40 6.29 -0.56 18.16
C TYR A 40 5.13 0.31 18.65
N GLY A 41 4.04 -0.32 19.05
CA GLY A 41 2.90 0.39 19.56
C GLY A 41 1.98 -0.49 20.36
N PRO A 42 0.86 0.09 20.84
CA PRO A 42 -0.05 -0.67 21.70
C PRO A 42 -0.67 -1.85 20.97
N HIS A 43 -1.08 -2.84 21.75
CA HIS A 43 -1.71 -4.04 21.20
C HIS A 43 -3.03 -3.69 20.52
N VAL A 44 -3.21 -4.19 19.30
CA VAL A 44 -4.47 -4.06 18.57
C VAL A 44 -5.34 -5.28 18.86
N PRO A 45 -6.59 -5.11 19.25
CA PRO A 45 -7.46 -6.28 19.46
C PRO A 45 -7.67 -7.03 18.16
N GLU A 46 -7.91 -8.34 18.30
CA GLU A 46 -8.10 -9.18 17.13
C GLU A 46 -9.37 -8.76 16.38
N LEU A 47 -9.38 -9.02 15.08
CA LEU A 47 -10.46 -8.54 14.22
C LEU A 47 -11.82 -9.05 14.70
N GLU A 48 -11.91 -10.38 14.89
CA GLU A 48 -13.18 -10.97 15.30
C GLU A 48 -13.62 -10.50 16.68
N MET A 49 -12.72 -9.94 17.47
CA MET A 49 -13.09 -9.43 18.79
C MET A 49 -13.75 -8.07 18.72
N LEU A 50 -13.55 -7.32 17.63
CA LEU A 50 -13.93 -5.91 17.62
C LEU A 50 -15.40 -5.73 17.94
N GLY A 51 -16.26 -6.53 17.29
CA GLY A 51 -17.69 -6.42 17.54
C GLY A 51 -18.03 -6.62 19.01
N ARG A 52 -17.40 -7.62 19.64
CA ARG A 52 -17.69 -7.87 21.05
C ARG A 52 -17.14 -6.76 21.93
N LEU A 53 -16.08 -6.08 21.50
CA LEU A 53 -15.44 -5.08 22.34
C LEU A 53 -16.04 -3.70 22.16
N GLY A 54 -17.03 -3.56 21.29
CA GLY A 54 -17.73 -2.31 21.12
C GLY A 54 -17.12 -1.35 20.13
N TYR A 55 -16.04 -1.73 19.44
CA TYR A 55 -15.43 -0.84 18.46
C TYR A 55 -16.38 -0.57 17.29
N LEU A 56 -17.08 -1.60 16.81
CA LEU A 56 -17.86 -1.47 15.59
C LEU A 56 -19.01 -0.49 15.72
N ASN A 57 -19.35 -0.08 16.94
CA ASN A 57 -20.37 0.96 17.14
C ASN A 57 -19.92 2.32 16.63
N HIS A 58 -18.64 2.48 16.27
CA HIS A 58 -18.12 3.78 15.91
C HIS A 58 -17.64 3.85 14.46
N VAL A 59 -17.72 2.76 13.71
CA VAL A 59 -17.45 2.78 12.28
C VAL A 59 -18.75 2.54 11.54
N ARG A 60 -18.80 3.00 10.29
CA ARG A 60 -20.02 2.87 9.51
C ARG A 60 -20.27 1.42 9.12
N ALA A 61 -21.53 0.99 9.19
CA ALA A 61 -21.87 -0.38 8.87
C ALA A 61 -21.74 -0.64 7.37
N ALA A 62 -21.21 -1.81 7.03
CA ALA A 62 -21.12 -2.19 5.63
C ALA A 62 -22.52 -2.42 5.06
N SER A 63 -22.72 -1.97 3.82
CA SER A 63 -23.98 -2.20 3.12
C SER A 63 -24.11 -3.67 2.73
N PRO A 64 -25.34 -4.12 2.44
CA PRO A 64 -25.50 -5.49 1.95
C PRO A 64 -24.67 -5.79 0.72
N GLN A 65 -24.51 -4.81 -0.18
CA GLN A 65 -23.61 -4.99 -1.32
C GLN A 65 -22.18 -5.24 -0.87
N ASP A 66 -21.71 -4.45 0.09
CA ASP A 66 -20.37 -4.63 0.63
C ASP A 66 -20.20 -5.99 1.28
N LEU A 67 -21.16 -6.40 2.09
CA LEU A 67 -21.08 -7.71 2.74
C LEU A 67 -21.08 -8.83 1.72
N ALA A 68 -21.93 -8.72 0.69
CA ALA A 68 -21.96 -9.72 -0.37
C ALA A 68 -20.60 -9.82 -1.04
N GLY A 69 -19.93 -8.69 -1.27
CA GLY A 69 -18.59 -8.76 -1.79
C GLY A 69 -17.54 -9.22 -0.80
N GLY A 70 -17.89 -9.31 0.48
CA GLY A 70 -16.95 -9.70 1.50
C GLY A 70 -16.30 -8.57 2.26
N TYR A 71 -16.76 -7.34 2.06
CA TYR A 71 -16.22 -6.21 2.79
C TYR A 71 -17.07 -5.98 4.03
N THR A 72 -16.45 -6.04 5.19
CA THR A 72 -17.13 -5.78 6.46
C THR A 72 -16.52 -4.56 7.13
N SER A 73 -17.33 -3.85 7.92
CA SER A 73 -16.84 -2.72 8.68
C SER A 73 -15.72 -3.11 9.65
N SER A 74 -15.65 -4.39 10.01
CA SER A 74 -14.54 -4.85 10.85
C SER A 74 -13.20 -4.59 10.18
N LEU A 75 -13.14 -4.74 8.85
CA LEU A 75 -11.89 -4.48 8.13
C LEU A 75 -11.44 -3.04 8.30
N ALA A 76 -12.33 -2.09 8.03
CA ALA A 76 -11.98 -0.69 8.16
C ALA A 76 -11.59 -0.34 9.59
N CYS A 77 -12.36 -0.82 10.56
CA CYS A 77 -12.04 -0.53 11.95
C CYS A 77 -10.67 -1.09 12.34
N HIS A 78 -10.39 -2.33 11.94
CA HIS A 78 -9.12 -2.96 12.27
C HIS A 78 -7.96 -2.21 11.63
N ARG A 79 -8.14 -1.79 10.38
CA ARG A 79 -7.07 -1.04 9.72
C ARG A 79 -6.82 0.30 10.42
N ALA A 80 -7.89 0.99 10.81
CA ALA A 80 -7.73 2.29 11.47
C ALA A 80 -7.02 2.14 12.81
N LEU A 81 -7.40 1.13 13.59
CA LEU A 81 -6.72 0.90 14.88
C LEU A 81 -5.26 0.53 14.67
N GLN A 82 -4.98 -0.34 13.70
CA GLN A 82 -3.59 -0.70 13.43
C GLN A 82 -2.77 0.52 13.02
N ASP A 83 -3.33 1.40 12.21
CA ASP A 83 -2.59 2.60 11.81
C ASP A 83 -2.42 3.57 12.97
N ALA A 84 -3.39 3.64 13.88
CA ALA A 84 -3.24 4.50 15.04
C ALA A 84 -2.13 3.99 15.96
N PHE A 85 -1.97 2.68 16.06
CA PHE A 85 -1.01 2.15 17.03
C PHE A 85 0.36 1.90 16.44
N SER A 86 0.50 1.88 15.11
CA SER A 86 1.77 1.52 14.49
C SER A 86 2.84 2.55 14.86
N GLY A 87 3.94 2.07 15.45
CA GLY A 87 5.10 2.90 15.74
C GLY A 87 4.86 4.07 16.66
N LEU A 88 3.82 4.00 17.50
CA LEU A 88 3.58 5.09 18.45
C LEU A 88 4.73 5.23 19.46
N PHE A 89 5.38 4.12 19.79
CA PHE A 89 6.47 4.14 20.77
C PHE A 89 7.85 4.21 20.13
N TRP A 90 7.94 4.28 18.81
CA TRP A 90 9.23 4.17 18.14
C TRP A 90 9.93 5.52 18.07
N GLN A 91 11.26 5.47 18.17
CA GLN A 91 12.10 6.66 18.09
C GLN A 91 13.24 6.40 17.12
N PRO A 92 13.53 7.33 16.21
CA PRO A 92 14.61 7.24 15.22
C PRO A 92 15.98 7.10 15.87
C ACE B 1 1.74 -0.92 5.00
O ACE B 1 0.73 -0.24 5.08
CH3 ACE B 1 2.16 -1.61 3.74
N MET B 2 2.53 -1.12 6.05
CA MET B 2 2.28 -0.52 7.36
C MET B 2 3.48 0.31 7.80
N TYR B 3 3.24 1.31 8.65
CA TYR B 3 4.32 2.24 8.99
C TYR B 3 5.49 1.55 9.68
N HIS B 4 5.19 0.61 10.58
CA HIS B 4 6.21 0.04 11.44
C HIS B 4 7.25 -0.78 10.69
N ASN B 5 7.01 -1.15 9.43
CA ASN B 5 8.07 -1.74 8.61
C ASN B 5 8.21 -1.00 7.28
N SER B 6 7.84 0.28 7.26
CA SER B 6 7.79 1.03 6.03
C SER B 6 9.14 1.64 5.67
N SER B 7 9.24 2.09 4.42
CA SER B 7 10.41 2.84 4.01
C SER B 7 10.41 4.24 4.62
N GLN B 8 9.24 4.78 4.93
CA GLN B 8 9.20 6.08 5.59
C GLN B 8 9.89 6.03 6.95
N LYS B 9 9.61 5.00 7.73
CA LYS B 9 10.26 4.82 9.03
C LYS B 9 11.74 4.52 8.86
N ARG B 10 12.08 3.65 7.91
CA ARG B 10 13.46 3.21 7.74
C ARG B 10 14.37 4.34 7.25
N HIS B 11 13.93 5.07 6.22
CA HIS B 11 14.81 5.97 5.49
C HIS B 11 14.42 7.44 5.56
N TRP B 12 13.21 7.78 6.00
CA TRP B 12 12.74 9.16 5.90
C TRP B 12 12.20 9.71 7.21
N THR B 13 12.58 9.12 8.33
CA THR B 13 12.32 9.67 9.65
C THR B 13 13.67 9.92 10.29
N PHE B 14 13.99 11.18 10.55
CA PHE B 14 15.35 11.56 10.94
C PHE B 14 15.41 11.90 12.43
N SER B 15 16.62 11.78 12.98
CA SER B 15 16.81 11.81 14.43
C SER B 15 16.80 13.21 15.02
N SER B 16 16.89 14.26 14.20
CA SER B 16 16.99 15.61 14.76
C SER B 16 16.82 16.64 13.66
N GLU B 17 16.41 17.85 14.06
CA GLU B 17 16.40 18.98 13.15
C GLU B 17 17.80 19.32 12.66
N GLU B 18 18.82 19.06 13.49
CA GLU B 18 20.20 19.33 13.11
C GLU B 18 20.60 18.46 11.92
N GLN B 19 20.19 17.20 11.91
CA GLN B 19 20.47 16.33 10.77
C GLN B 19 19.80 16.85 9.49
N LEU B 20 18.57 17.33 9.61
CA LEU B 20 17.88 17.91 8.45
C LEU B 20 18.62 19.12 7.92
N ALA B 21 19.04 20.01 8.83
CA ALA B 21 19.82 21.16 8.40
C ALA B 21 21.12 20.73 7.74
N ARG B 22 21.73 19.65 8.24
CA ARG B 22 22.95 19.14 7.62
C ARG B 22 22.69 18.71 6.19
N LEU B 23 21.60 17.98 5.97
CA LEU B 23 21.27 17.52 4.62
C LEU B 23 21.02 18.70 3.68
N ARG B 24 20.21 19.65 4.12
CA ARG B 24 19.90 20.80 3.28
C ARG B 24 21.16 21.64 3.00
N ALA B 25 22.03 21.78 4.00
CA ALA B 25 23.26 22.55 3.81
C ALA B 25 24.20 21.85 2.84
N ASP B 26 24.28 20.53 2.94
CA ASP B 26 25.04 19.77 1.95
C ASP B 26 24.49 20.00 0.56
N ALA B 27 23.16 20.04 0.42
CA ALA B 27 22.56 20.29 -0.89
C ALA B 27 22.94 21.66 -1.43
N ASN B 28 22.80 22.69 -0.59
CA ASN B 28 23.12 24.06 -1.01
C ASN B 28 24.59 24.20 -1.39
N ARG B 29 25.47 23.65 -0.56
CA ARG B 29 26.90 23.70 -0.83
C ARG B 29 27.28 22.93 -2.10
N LYS B 30 26.67 21.75 -2.30
CA LYS B 30 26.93 20.97 -3.48
C LYS B 30 26.49 21.70 -4.75
N PHE B 31 25.34 22.36 -4.70
CA PHE B 31 24.95 23.15 -5.87
C PHE B 31 25.93 24.30 -6.11
N ARG B 32 26.36 24.96 -5.04
CA ARG B 32 27.30 26.05 -5.20
C ARG B 32 28.58 25.57 -5.86
N CYS B 33 29.07 24.40 -5.43
CA CYS B 33 30.28 23.83 -6.02
C CYS B 33 30.08 23.45 -7.48
N LYS B 34 28.91 22.88 -7.81
CA LYS B 34 28.63 22.56 -9.20
C LYS B 34 28.63 23.82 -10.07
N ALA B 35 27.96 24.87 -9.61
CA ALA B 35 27.91 26.12 -10.37
C ALA B 35 29.29 26.72 -10.53
N VAL B 36 30.09 26.71 -9.46
CA VAL B 36 31.45 27.26 -9.54
C VAL B 36 32.29 26.48 -10.54
N ALA B 37 32.18 25.15 -10.55
CA ALA B 37 32.89 24.36 -11.54
C ALA B 37 32.41 24.68 -12.95
N ASN B 38 31.10 24.89 -13.11
CA ASN B 38 30.57 25.22 -14.44
C ASN B 38 31.05 26.59 -14.90
N GLY B 39 31.05 27.58 -14.01
CA GLY B 39 31.46 28.92 -14.36
C GLY B 39 32.32 29.58 -13.30
N ASP B 45 30.03 34.50 -5.20
CA ASP B 45 29.09 34.97 -6.20
C ASP B 45 27.76 35.21 -5.48
N PRO B 46 27.28 36.45 -5.52
CA PRO B 46 26.11 36.82 -4.69
C PRO B 46 24.81 36.19 -5.17
N VAL B 47 24.76 35.65 -6.39
CA VAL B 47 23.50 35.12 -6.90
C VAL B 47 23.01 33.92 -6.10
N PHE B 48 23.91 33.22 -5.41
CA PHE B 48 23.54 32.01 -4.70
C PHE B 48 22.59 32.31 -3.55
N LEU B 49 21.79 31.32 -3.19
CA LEU B 49 20.84 31.42 -2.10
C LEU B 49 21.42 30.79 -0.85
N GLU B 50 21.17 31.40 0.29
CA GLU B 50 21.57 30.82 1.57
C GLU B 50 20.58 29.74 2.00
N PRO B 51 21.03 28.75 2.78
CA PRO B 51 20.12 27.65 3.15
C PRO B 51 18.84 28.11 3.83
N HIS B 52 18.90 29.14 4.70
CA HIS B 52 17.67 29.63 5.31
C HIS B 52 16.76 30.28 4.28
N GLU B 53 17.32 30.89 3.24
CA GLU B 53 16.49 31.45 2.18
C GLU B 53 15.86 30.33 1.35
N GLU B 54 16.62 29.27 1.07
CA GLU B 54 16.03 28.10 0.44
C GLU B 54 14.86 27.56 1.27
N MET B 55 15.03 27.51 2.59
CA MET B 55 13.95 27.04 3.47
C MET B 55 12.73 27.96 3.38
N THR B 56 12.95 29.28 3.38
CA THR B 56 11.84 30.20 3.24
C THR B 56 11.08 29.94 1.94
N LEU B 57 11.81 29.74 0.84
CA LEU B 57 11.16 29.49 -0.44
C LEU B 57 10.44 28.14 -0.45
N CYS B 58 11.02 27.12 0.20
CA CYS B 58 10.38 25.81 0.24
C CYS B 58 9.09 25.86 1.06
N LYS B 59 9.09 26.64 2.14
CA LYS B 59 7.84 26.86 2.87
C LYS B 59 6.81 27.55 1.99
N TYR B 60 7.24 28.58 1.26
CA TYR B 60 6.32 29.29 0.37
C TYR B 60 5.73 28.35 -0.68
N TYR B 61 6.55 27.53 -1.29
CA TYR B 61 6.06 26.67 -2.36
C TYR B 61 5.33 25.44 -1.84
N GLU B 62 5.61 24.99 -0.62
CA GLU B 62 4.74 23.99 -0.01
C GLU B 62 3.35 24.56 0.21
N LYS B 63 3.27 25.82 0.66
CA LYS B 63 1.96 26.47 0.75
C LYS B 63 1.29 26.56 -0.61
N ARG B 64 2.07 26.87 -1.64
CA ARG B 64 1.52 26.90 -3.00
C ARG B 64 1.01 25.54 -3.43
N LEU B 65 1.73 24.48 -3.09
CA LEU B 65 1.29 23.12 -3.40
C LEU B 65 -0.03 22.80 -2.70
N LEU B 66 -0.15 23.20 -1.44
CA LEU B 66 -1.43 23.00 -0.74
C LEU B 66 -2.56 23.75 -1.45
N GLU B 67 -2.31 24.99 -1.85
CA GLU B 67 -3.34 25.77 -2.52
C GLU B 67 -3.74 25.11 -3.84
N PHE B 68 -2.76 24.58 -4.56
CA PHE B 68 -3.03 23.86 -5.80
C PHE B 68 -3.91 22.64 -5.55
N CYS B 69 -3.53 21.82 -4.57
CA CYS B 69 -4.27 20.58 -4.31
C CYS B 69 -5.67 20.86 -3.79
N SER B 70 -5.86 21.94 -3.04
CA SER B 70 -7.16 22.20 -2.42
C SER B 70 -8.24 22.47 -3.46
N VAL B 71 -7.93 23.23 -4.51
CA VAL B 71 -8.92 23.57 -5.53
C VAL B 71 -8.80 22.67 -6.76
N PHE B 72 -8.04 21.59 -6.67
CA PHE B 72 -7.89 20.66 -7.77
C PHE B 72 -9.20 19.93 -8.04
N LYS B 73 -9.57 19.81 -9.31
CA LYS B 73 -10.75 19.12 -9.77
C LYS B 73 -10.35 17.94 -10.66
N PRO B 74 -10.82 16.72 -10.38
CA PRO B 74 -11.71 16.28 -9.30
C PRO B 74 -11.04 16.40 -7.94
N ALA B 75 -11.80 16.46 -6.85
CA ALA B 75 -11.23 16.71 -5.54
C ALA B 75 -10.17 15.69 -5.19
N MET B 76 -9.00 16.18 -4.77
CA MET B 76 -7.94 15.31 -4.32
C MET B 76 -8.24 14.76 -2.93
N PRO B 77 -8.19 13.44 -2.73
CA PRO B 77 -8.23 12.90 -1.37
C PRO B 77 -7.08 13.44 -0.54
N ARG B 78 -7.34 13.62 0.76
CA ARG B 78 -6.34 14.19 1.67
C ARG B 78 -5.07 13.36 1.69
N SER B 79 -5.19 12.05 1.47
CA SER B 79 -4.00 11.19 1.40
C SER B 79 -3.10 11.62 0.25
N VAL B 80 -3.68 11.96 -0.90
CA VAL B 80 -2.86 12.38 -2.04
C VAL B 80 -2.13 13.67 -1.73
N VAL B 81 -2.82 14.62 -1.11
CA VAL B 81 -2.19 15.90 -0.77
C VAL B 81 -1.04 15.68 0.21
N GLY B 82 -1.29 14.87 1.25
CA GLY B 82 -0.22 14.60 2.20
C GLY B 82 0.96 13.92 1.56
N THR B 83 0.69 12.97 0.65
CA THR B 83 1.77 12.30 -0.07
C THR B 83 2.58 13.30 -0.89
N ALA B 84 1.90 14.20 -1.61
CA ALA B 84 2.61 15.18 -2.43
C ALA B 84 3.45 16.12 -1.58
N CYS B 85 2.90 16.58 -0.47
CA CYS B 85 3.66 17.46 0.42
C CYS B 85 4.88 16.76 1.00
N MET B 86 4.72 15.50 1.39
CA MET B 86 5.87 14.73 1.86
C MET B 86 6.91 14.56 0.76
N TYR B 87 6.46 14.31 -0.48
CA TYR B 87 7.37 14.26 -1.61
C TYR B 87 8.17 15.55 -1.73
N PHE B 88 7.49 16.69 -1.60
CA PHE B 88 8.15 17.99 -1.72
C PHE B 88 9.22 18.17 -0.65
N LYS B 89 8.86 17.89 0.61
CA LYS B 89 9.81 18.00 1.70
C LYS B 89 11.03 17.11 1.47
N ARG B 90 10.78 15.84 1.13
CA ARG B 90 11.88 14.92 0.91
C ARG B 90 12.75 15.37 -0.24
N PHE B 91 12.15 15.87 -1.32
CA PHE B 91 12.94 16.29 -2.47
C PHE B 91 13.90 17.39 -2.07
N TYR B 92 13.41 18.39 -1.34
CA TYR B 92 14.28 19.51 -1.00
C TYR B 92 15.11 19.29 0.26
N LEU B 93 15.05 18.11 0.85
CA LEU B 93 16.09 17.71 1.80
C LEU B 93 17.45 17.57 1.11
N ASN B 94 17.48 16.95 -0.07
CA ASN B 94 18.74 16.64 -0.77
C ASN B 94 18.91 17.40 -2.08
N ASN B 95 18.13 18.46 -2.30
CA ASN B 95 18.21 19.19 -3.56
C ASN B 95 18.03 20.68 -3.29
N SER B 96 18.67 21.49 -4.12
CA SER B 96 18.58 22.93 -4.01
C SER B 96 17.50 23.47 -4.92
N VAL B 97 16.81 24.52 -4.46
CA VAL B 97 15.80 25.16 -5.29
C VAL B 97 16.41 25.89 -6.48
N MET B 98 17.72 26.14 -6.49
CA MET B 98 18.30 26.80 -7.65
C MET B 98 18.74 25.83 -8.74
N GLU B 99 18.71 24.53 -8.48
CA GLU B 99 18.92 23.54 -9.52
C GLU B 99 17.63 23.01 -10.11
N TYR B 100 16.61 22.80 -9.27
CA TYR B 100 15.30 22.35 -9.70
C TYR B 100 14.27 23.30 -9.15
N HIS B 101 13.58 24.01 -10.02
CA HIS B 101 12.67 25.05 -9.57
C HIS B 101 11.53 24.44 -8.78
N PRO B 102 11.26 24.92 -7.56
CA PRO B 102 10.16 24.34 -6.76
C PRO B 102 8.79 24.46 -7.40
N ARG B 103 8.60 25.43 -8.31
CA ARG B 103 7.31 25.55 -8.98
C ARG B 103 7.00 24.31 -9.81
N ILE B 104 8.00 23.77 -10.51
CA ILE B 104 7.79 22.57 -11.30
C ILE B 104 7.81 21.33 -10.41
N ILE B 105 8.68 21.31 -9.41
CA ILE B 105 8.81 20.15 -8.54
C ILE B 105 7.53 19.92 -7.76
N MET B 106 6.87 20.99 -7.30
CA MET B 106 5.64 20.80 -6.54
C MET B 106 4.54 20.20 -7.41
N LEU B 107 4.42 20.64 -8.67
CA LEU B 107 3.45 20.06 -9.58
C LEU B 107 3.79 18.60 -9.88
N THR B 108 5.07 18.31 -10.05
CA THR B 108 5.48 16.94 -10.29
C THR B 108 5.18 16.06 -9.07
N CYS B 109 5.33 16.64 -7.88
CA CYS B 109 4.96 15.94 -6.64
C CYS B 109 3.48 15.60 -6.66
N ALA B 110 2.63 16.57 -6.99
CA ALA B 110 1.19 16.30 -7.07
C ALA B 110 0.88 15.22 -8.12
N PHE B 111 1.52 15.31 -9.29
CA PHE B 111 1.32 14.34 -10.37
C PHE B 111 1.68 12.93 -9.92
N LEU B 112 2.88 12.76 -9.37
CA LEU B 112 3.31 11.45 -8.91
C LEU B 112 2.44 10.94 -7.77
N ALA B 113 2.04 11.83 -6.85
CA ALA B 113 1.19 11.42 -5.74
C ALA B 113 -0.15 10.91 -6.23
N CYS B 114 -0.76 11.61 -7.18
CA CYS B 114 -2.02 11.16 -7.75
C CYS B 114 -1.88 9.77 -8.36
N LYS B 115 -0.78 9.53 -9.07
CA LYS B 115 -0.54 8.19 -9.59
C LYS B 115 -0.38 7.17 -8.47
N VAL B 116 0.40 7.51 -7.44
CA VAL B 116 0.80 6.55 -6.42
C VAL B 116 -0.38 6.18 -5.55
N ASP B 117 -1.17 7.16 -5.12
CA ASP B 117 -2.33 6.94 -4.27
C ASP B 117 -3.56 6.49 -5.06
N GLU B 118 -3.36 6.01 -6.29
CA GLU B 118 -4.44 5.45 -7.11
C GLU B 118 -5.59 6.43 -7.27
N PHE B 119 -5.24 7.71 -7.41
CA PHE B 119 -6.21 8.76 -7.71
C PHE B 119 -6.12 9.00 -9.22
N ASN B 120 -6.69 8.06 -9.97
CA ASN B 120 -6.54 8.04 -11.42
C ASN B 120 -7.13 9.29 -12.06
N VAL B 121 -6.26 10.13 -12.62
CA VAL B 121 -6.66 11.30 -13.39
C VAL B 121 -5.79 11.36 -14.63
N SER B 122 -6.36 11.81 -15.74
CA SER B 122 -5.59 11.98 -16.96
C SER B 122 -4.74 13.25 -16.88
N SER B 123 -3.62 13.24 -17.59
CA SER B 123 -2.78 14.43 -17.67
C SER B 123 -3.52 15.68 -18.12
N PRO B 124 -4.40 15.64 -19.14
CA PRO B 124 -5.09 16.88 -19.53
C PRO B 124 -5.89 17.52 -18.40
N GLN B 125 -6.63 16.75 -17.59
CA GLN B 125 -7.39 17.40 -16.52
C GLN B 125 -6.45 17.90 -15.42
N PHE B 126 -5.37 17.14 -15.15
CA PHE B 126 -4.40 17.58 -14.15
C PHE B 126 -3.84 18.95 -14.52
N VAL B 127 -3.29 19.09 -15.72
CA VAL B 127 -2.74 20.39 -16.10
C VAL B 127 -3.84 21.40 -16.38
N GLY B 128 -5.07 20.96 -16.65
CA GLY B 128 -6.16 21.90 -16.77
C GLY B 128 -6.57 22.52 -15.46
N ASN B 129 -6.22 21.87 -14.35
CA ASN B 129 -6.35 22.52 -13.06
C ASN B 129 -5.44 23.73 -12.91
N LEU B 130 -4.34 23.78 -13.66
CA LEU B 130 -3.42 24.91 -13.60
C LEU B 130 -4.05 26.18 -14.18
N ARG B 131 -3.80 27.30 -13.51
CA ARG B 131 -4.33 28.59 -13.95
C ARG B 131 -3.38 29.21 -14.98
N GLU B 132 -3.41 28.63 -16.18
CA GLU B 132 -2.49 29.01 -17.24
C GLU B 132 -3.23 29.00 -18.57
N SER B 133 -2.59 29.57 -19.59
CA SER B 133 -3.03 29.41 -20.96
C SER B 133 -2.83 27.96 -21.41
N PRO B 134 -3.57 27.53 -22.43
CA PRO B 134 -3.35 26.15 -22.92
C PRO B 134 -1.92 25.88 -23.36
N LEU B 135 -1.24 26.88 -23.92
CA LEU B 135 0.18 26.75 -24.19
C LEU B 135 0.96 26.61 -22.88
N GLY B 136 0.63 27.43 -21.89
CA GLY B 136 1.28 27.32 -20.61
C GLY B 136 1.01 25.98 -19.94
N GLN B 137 -0.22 25.50 -20.05
CA GLN B 137 -0.55 24.19 -19.49
C GLN B 137 0.21 23.08 -20.19
N GLU B 138 0.33 23.14 -21.52
CA GLU B 138 1.08 22.12 -22.24
C GLU B 138 2.56 22.18 -21.88
N LYS B 139 3.11 23.39 -21.76
CA LYS B 139 4.49 23.54 -21.34
C LYS B 139 4.71 22.97 -19.95
N ALA B 140 3.79 23.24 -19.03
CA ALA B 140 3.88 22.70 -17.67
C ALA B 140 3.81 21.19 -17.69
N LEU B 141 2.94 20.63 -18.53
CA LEU B 141 2.86 19.17 -18.66
C LEU B 141 4.18 18.60 -19.16
N GLU B 142 4.78 19.26 -20.16
CA GLU B 142 6.07 18.83 -20.67
C GLU B 142 7.11 18.82 -19.54
N GLN B 143 7.12 19.90 -18.76
CA GLN B 143 8.08 20.01 -17.65
C GLN B 143 7.84 18.93 -16.60
N ILE B 144 6.58 18.68 -16.26
CA ILE B 144 6.24 17.67 -15.26
C ILE B 144 6.68 16.30 -15.73
N LEU B 145 6.43 15.97 -17.00
CA LEU B 145 6.89 14.69 -17.51
C LEU B 145 8.41 14.60 -17.54
N GLU B 146 9.08 15.74 -17.77
CA GLU B 146 10.54 15.76 -17.71
C GLU B 146 11.04 15.44 -16.31
N TYR B 147 10.38 15.99 -15.29
CA TYR B 147 10.86 15.86 -13.92
C TYR B 147 10.28 14.68 -13.15
N GLU B 148 9.34 13.93 -13.72
CA GLU B 148 8.71 12.84 -12.96
C GLU B 148 9.73 11.79 -12.54
N LEU B 149 10.55 11.32 -13.48
CA LEU B 149 11.55 10.33 -13.14
C LEU B 149 12.60 10.90 -12.19
N LEU B 150 12.96 12.17 -12.36
CA LEU B 150 13.90 12.79 -11.44
C LEU B 150 13.36 12.79 -10.01
N LEU B 151 12.12 13.23 -9.84
CA LEU B 151 11.50 13.22 -8.52
C LEU B 151 11.50 11.81 -7.95
N ILE B 152 11.16 10.81 -8.76
CA ILE B 152 11.13 9.44 -8.27
C ILE B 152 12.53 9.01 -7.82
N GLN B 153 13.56 9.36 -8.60
CA GLN B 153 14.92 9.00 -8.24
C GLN B 153 15.35 9.63 -6.93
N GLN B 154 15.03 10.92 -6.75
CA GLN B 154 15.40 11.62 -5.53
C GLN B 154 14.66 11.07 -4.31
N LEU B 155 13.39 10.67 -4.49
CA LEU B 155 12.69 9.96 -3.43
C LEU B 155 13.23 8.55 -3.21
N ASN B 156 14.28 8.16 -3.95
CA ASN B 156 14.90 6.84 -3.85
C ASN B 156 13.89 5.72 -4.09
N PHE B 157 12.87 6.00 -4.90
CA PHE B 157 11.82 5.03 -5.22
C PHE B 157 11.09 4.57 -3.96
N HIS B 158 10.92 5.46 -3.00
CA HIS B 158 10.09 5.23 -1.82
C HIS B 158 8.86 6.09 -1.99
N LEU B 159 7.77 5.49 -2.46
CA LEU B 159 6.61 6.24 -2.91
C LEU B 159 5.43 6.18 -1.95
N ILE B 160 5.31 5.16 -1.13
CA ILE B 160 4.20 5.10 -0.18
C ILE B 160 4.49 6.04 0.98
N VAL B 161 3.55 6.92 1.27
CA VAL B 161 3.67 7.89 2.36
C VAL B 161 2.60 7.59 3.38
N HIS B 162 3.03 7.29 4.60
CA HIS B 162 2.10 7.07 5.70
C HIS B 162 1.79 8.42 6.33
N ASN B 163 0.57 8.84 6.19
CA ASN B 163 0.07 10.11 6.68
C ASN B 163 -0.54 9.94 8.06
N PRO B 164 -0.76 11.02 8.79
CA PRO B 164 -1.38 10.90 10.12
C PRO B 164 -2.88 10.75 10.12
N TYR B 165 -3.57 10.84 8.97
CA TYR B 165 -5.03 10.92 8.98
C TYR B 165 -5.67 9.60 9.37
N ARG B 166 -5.24 8.50 8.80
CA ARG B 166 -5.84 7.23 9.23
C ARG B 166 -5.48 6.91 10.68
N PRO B 167 -4.23 7.11 11.13
CA PRO B 167 -3.99 6.97 12.58
C PRO B 167 -4.90 7.86 13.41
N PHE B 168 -5.18 9.07 12.94
CA PHE B 168 -6.09 9.95 13.64
C PHE B 168 -7.47 9.31 13.76
N GLU B 169 -7.95 8.70 12.67
CA GLU B 169 -9.23 8.01 12.71
C GLU B 169 -9.21 6.85 13.71
N GLY B 170 -8.13 6.07 13.70
CA GLY B 170 -8.05 4.94 14.61
C GLY B 170 -8.02 5.36 16.06
N PHE B 171 -7.32 6.45 16.36
CA PHE B 171 -7.31 6.98 17.72
C PHE B 171 -8.69 7.47 18.12
N LEU B 172 -9.42 8.10 17.20
CA LEU B 172 -10.78 8.52 17.52
C LEU B 172 -11.67 7.31 17.82
N ILE B 173 -11.52 6.24 17.05
CA ILE B 173 -12.27 5.02 17.31
C ILE B 173 -11.92 4.47 18.69
N ASP B 174 -10.63 4.44 19.01
CA ASP B 174 -10.18 3.91 20.30
C ASP B 174 -10.70 4.75 21.45
N LEU B 175 -10.69 6.09 21.31
CA LEU B 175 -11.21 6.97 22.35
C LEU B 175 -12.71 6.80 22.52
N LYS B 176 -13.45 6.67 21.42
CA LYS B 176 -14.87 6.46 21.51
C LYS B 176 -15.20 5.12 22.17
N THR B 177 -14.37 4.11 21.94
CA THR B 177 -14.66 2.78 22.48
C THR B 177 -14.24 2.64 23.94
N ARG B 178 -13.02 3.06 24.27
CA ARG B 178 -12.35 2.63 25.49
C ARG B 178 -12.12 3.73 26.52
N TYR B 179 -12.39 4.99 26.19
CA TYR B 179 -12.06 6.11 27.08
C TYR B 179 -13.32 6.93 27.33
N PRO B 180 -14.29 6.37 28.06
CA PRO B 180 -15.55 7.10 28.30
C PRO B 180 -15.36 8.36 29.13
N ILE B 181 -14.25 8.48 29.87
CA ILE B 181 -13.98 9.72 30.59
C ILE B 181 -13.96 10.89 29.62
N LEU B 182 -13.59 10.65 28.36
CA LEU B 182 -13.89 11.56 27.27
C LEU B 182 -15.19 11.11 26.63
N GLU B 183 -16.27 11.87 26.86
CA GLU B 183 -17.60 11.44 26.43
C GLU B 183 -17.70 11.39 24.91
N ASN B 184 -17.47 12.53 24.25
CA ASN B 184 -17.58 12.64 22.80
C ASN B 184 -16.22 13.04 22.23
N PRO B 185 -15.40 12.06 21.83
CA PRO B 185 -14.11 12.41 21.22
C PRO B 185 -14.22 13.20 19.93
N GLU B 186 -15.36 13.14 19.24
CA GLU B 186 -15.50 13.90 17.99
C GLU B 186 -15.38 15.40 18.24
N ILE B 187 -15.69 15.86 19.46
CA ILE B 187 -15.53 17.27 19.79
C ILE B 187 -14.09 17.72 19.68
N LEU B 188 -13.15 16.79 19.64
CA LEU B 188 -11.73 17.11 19.49
C LEU B 188 -11.29 17.20 18.04
N ARG B 189 -12.14 16.84 17.09
CA ARG B 189 -11.68 16.66 15.71
C ARG B 189 -11.16 17.96 15.12
N LYS B 190 -12.03 18.96 15.00
CA LYS B 190 -11.71 20.17 14.24
C LYS B 190 -10.43 20.83 14.76
N THR B 191 -10.36 21.09 16.07
CA THR B 191 -9.17 21.69 16.64
C THR B 191 -7.95 20.80 16.39
N ALA B 192 -8.10 19.50 16.63
CA ALA B 192 -6.99 18.60 16.33
C ALA B 192 -6.64 18.69 14.86
N ASP B 193 -7.64 18.73 13.99
CA ASP B 193 -7.39 18.91 12.57
C ASP B 193 -6.51 20.12 12.34
N ASP B 194 -6.88 21.26 12.95
CA ASP B 194 -6.07 22.46 12.80
C ASP B 194 -4.63 22.17 13.19
N PHE B 195 -4.43 21.56 14.36
CA PHE B 195 -3.07 21.32 14.80
C PHE B 195 -2.32 20.44 13.81
N LEU B 196 -3.00 19.41 13.28
CA LEU B 196 -2.36 18.57 12.27
C LEU B 196 -1.83 19.41 11.13
N ASN B 197 -2.68 20.29 10.59
CA ASN B 197 -2.25 21.18 9.52
C ASN B 197 -1.03 21.97 9.95
N ARG B 198 -1.08 22.55 11.16
CA ARG B 198 0.03 23.34 11.64
C ARG B 198 1.26 22.49 11.86
N ILE B 199 1.08 21.22 12.25
CA ILE B 199 2.20 20.31 12.37
C ILE B 199 2.80 20.03 10.99
N ALA B 200 1.94 19.97 9.97
CA ALA B 200 2.40 19.57 8.64
C ALA B 200 3.37 20.59 8.05
N LEU B 201 3.28 21.85 8.45
CA LEU B 201 4.13 22.88 7.89
C LEU B 201 5.57 22.81 8.42
N THR B 202 5.78 22.13 9.53
CA THR B 202 7.12 22.00 10.10
C THR B 202 7.82 20.79 9.50
N ASP B 203 8.97 20.42 10.06
CA ASP B 203 9.68 19.23 9.66
C ASP B 203 9.21 18.00 10.42
N ALA B 204 8.11 18.12 11.17
CA ALA B 204 7.64 17.02 12.01
C ALA B 204 7.42 15.75 11.19
N TYR B 205 6.93 15.89 9.97
CA TYR B 205 6.64 14.71 9.16
C TYR B 205 7.92 13.97 8.79
N LEU B 206 9.08 14.62 8.94
CA LEU B 206 10.37 13.97 8.75
C LEU B 206 10.99 13.52 10.07
N LEU B 207 10.40 13.87 11.21
CA LEU B 207 11.03 13.64 12.50
C LEU B 207 10.27 12.69 13.41
N TYR B 208 8.98 12.44 13.16
CA TYR B 208 8.17 11.61 14.04
C TYR B 208 7.26 10.70 13.23
N THR B 209 6.74 9.69 13.92
CA THR B 209 5.84 8.73 13.30
C THR B 209 4.47 9.37 13.05
N PRO B 210 3.74 8.88 12.05
CA PRO B 210 2.36 9.37 11.84
C PRO B 210 1.48 9.17 13.05
N SER B 211 1.66 8.05 13.77
CA SER B 211 0.86 7.83 14.97
C SER B 211 1.18 8.85 16.05
N GLN B 212 2.46 9.14 16.26
CA GLN B 212 2.83 10.17 17.24
C GLN B 212 2.27 11.51 16.85
N ILE B 213 2.32 11.87 15.57
CA ILE B 213 1.78 13.14 15.13
C ILE B 213 0.27 13.20 15.37
N ALA B 214 -0.44 12.12 15.03
CA ALA B 214 -1.88 12.08 15.22
C ALA B 214 -2.25 12.21 16.70
N LEU B 215 -1.54 11.46 17.55
CA LEU B 215 -1.81 11.52 18.99
C LEU B 215 -1.47 12.89 19.56
N THR B 216 -0.37 13.49 19.10
CA THR B 216 -0.02 14.83 19.54
C THR B 216 -1.10 15.84 19.17
N ALA B 217 -1.62 15.72 17.95
CA ALA B 217 -2.72 16.61 17.55
C ALA B 217 -3.93 16.42 18.45
N ILE B 218 -4.29 15.17 18.74
CA ILE B 218 -5.46 14.93 19.57
C ILE B 218 -5.25 15.46 20.99
N LEU B 219 -4.08 15.21 21.57
CA LEU B 219 -3.83 15.63 22.93
C LEU B 219 -3.70 17.14 23.05
N SER B 220 -3.14 17.80 22.04
CA SER B 220 -3.16 19.26 22.01
C SER B 220 -4.58 19.78 21.92
N SER B 221 -5.41 19.15 21.09
CA SER B 221 -6.81 19.56 21.03
C SER B 221 -7.50 19.38 22.38
N ALA B 222 -7.19 18.29 23.08
CA ALA B 222 -7.79 18.04 24.38
C ALA B 222 -7.33 19.08 25.41
N SER B 223 -6.03 19.37 25.43
CA SER B 223 -5.49 20.36 26.36
C SER B 223 -6.07 21.75 26.10
N ARG B 224 -6.20 22.13 24.83
CA ARG B 224 -6.88 23.39 24.53
C ARG B 224 -8.35 23.33 24.91
N ALA B 225 -8.95 22.15 24.93
CA ALA B 225 -10.33 22.00 25.35
C ALA B 225 -10.50 22.03 26.87
N GLY B 226 -9.41 21.98 27.63
CA GLY B 226 -9.50 21.87 29.06
C GLY B 226 -9.57 20.44 29.57
N ILE B 227 -9.27 19.47 28.72
CA ILE B 227 -9.33 18.05 29.07
C ILE B 227 -7.91 17.52 29.12
N THR B 228 -7.58 16.81 30.20
CA THR B 228 -6.34 16.05 30.28
C THR B 228 -6.69 14.58 30.18
N MET B 229 -6.18 13.91 29.15
CA MET B 229 -6.37 12.47 28.99
C MET B 229 -5.11 11.71 29.35
N GLU B 230 -4.47 12.13 30.44
CA GLU B 230 -3.32 11.43 30.97
C GLU B 230 -3.61 9.96 31.20
N SER B 231 -4.84 9.65 31.63
CA SER B 231 -5.21 8.26 31.87
C SER B 231 -5.31 7.47 30.56
N TYR B 232 -5.64 8.12 29.45
CA TYR B 232 -5.68 7.40 28.19
C TYR B 232 -4.31 6.83 27.86
N LEU B 233 -3.26 7.61 28.06
CA LEU B 233 -1.91 7.11 27.85
C LEU B 233 -1.53 6.10 28.91
N SER B 234 -1.76 6.44 30.19
CA SER B 234 -1.30 5.57 31.27
C SER B 234 -2.12 4.30 31.36
N GLU B 235 -3.45 4.42 31.26
CA GLU B 235 -4.33 3.27 31.48
C GLU B 235 -4.68 2.56 30.18
N SER B 236 -5.34 3.27 29.26
CA SER B 236 -5.83 2.62 28.05
C SER B 236 -4.68 2.16 27.16
N LEU B 237 -3.68 3.01 26.96
CA LEU B 237 -2.48 2.63 26.24
C LEU B 237 -1.57 1.70 27.05
N MET B 238 -1.92 1.45 28.32
CA MET B 238 -1.19 0.49 29.18
C MET B 238 0.26 0.91 29.40
N LEU B 239 0.49 2.23 29.47
CA LEU B 239 1.85 2.73 29.69
C LEU B 239 2.26 2.73 31.15
N LYS B 240 1.39 2.25 32.05
CA LYS B 240 1.77 2.15 33.46
C LYS B 240 2.72 0.99 33.73
N GLU B 241 2.85 0.05 32.79
CA GLU B 241 3.80 -1.04 32.97
C GLU B 241 5.24 -0.57 32.84
N ASN B 242 5.52 0.22 31.80
CA ASN B 242 6.87 0.75 31.55
C ASN B 242 6.79 2.27 31.55
N ARG B 243 7.27 2.87 32.64
CA ARG B 243 7.23 4.33 32.75
C ARG B 243 8.13 5.00 31.73
N THR B 244 9.19 4.33 31.30
CA THR B 244 10.09 4.92 30.33
C THR B 244 9.34 5.24 29.04
N CYS B 245 8.49 4.32 28.57
CA CYS B 245 7.73 4.55 27.35
C CYS B 245 6.83 5.76 27.47
N LEU B 246 6.14 5.89 28.60
CA LEU B 246 5.27 7.05 28.81
C LEU B 246 6.09 8.33 28.80
N SER B 247 7.26 8.33 29.43
CA SER B 247 8.11 9.51 29.44
C SER B 247 8.57 9.88 28.02
N GLN B 248 9.00 8.88 27.24
CA GLN B 248 9.46 9.17 25.88
C GLN B 248 8.33 9.71 25.01
N LEU B 249 7.13 9.13 25.12
CA LEU B 249 6.01 9.64 24.34
C LEU B 249 5.67 11.07 24.74
N LEU B 250 5.65 11.35 26.05
CA LEU B 250 5.37 12.71 26.49
C LEU B 250 6.40 13.69 25.96
N ASP B 251 7.67 13.29 25.96
CA ASP B 251 8.72 14.14 25.42
C ASP B 251 8.57 14.36 23.91
N ILE B 252 8.20 13.31 23.17
CA ILE B 252 8.00 13.46 21.73
C ILE B 252 6.89 14.46 21.45
N MET B 253 5.78 14.34 22.18
CA MET B 253 4.68 15.29 22.01
C MET B 253 5.11 16.71 22.38
N LYS B 254 5.89 16.85 23.46
CA LYS B 254 6.38 18.17 23.83
C LYS B 254 7.27 18.76 22.74
N SER B 255 8.13 17.93 22.15
CA SER B 255 9.00 18.39 21.08
C SER B 255 8.21 18.83 19.86
N MET B 256 7.14 18.09 19.53
CA MET B 256 6.30 18.49 18.40
C MET B 256 5.60 19.81 18.66
N ARG B 257 5.07 19.98 19.88
CA ARG B 257 4.44 21.25 20.21
C ARG B 257 5.45 22.39 20.15
N ASN B 258 6.70 22.12 20.55
CA ASN B 258 7.76 23.12 20.46
C ASN B 258 8.06 23.49 19.02
N LEU B 259 8.16 22.49 18.14
CA LEU B 259 8.38 22.77 16.72
C LEU B 259 7.26 23.62 16.16
N VAL B 260 6.02 23.31 16.53
CA VAL B 260 4.90 24.09 16.01
C VAL B 260 4.96 25.53 16.51
N LYS B 261 5.27 25.72 17.80
CA LYS B 261 5.31 27.08 18.32
C LYS B 261 6.47 27.88 17.73
N LYS B 262 7.59 27.22 17.41
CA LYS B 262 8.75 27.90 16.87
C LYS B 262 8.73 28.08 15.36
N TYR B 263 7.73 27.52 14.68
CA TYR B 263 7.59 27.72 13.25
C TYR B 263 7.29 29.19 12.93
N GLU B 264 7.86 29.67 11.83
CA GLU B 264 7.62 31.05 11.37
C GLU B 264 7.26 31.00 9.90
N PRO B 265 6.11 31.54 9.49
CA PRO B 265 5.79 31.55 8.08
C PRO B 265 6.67 32.53 7.33
N PRO B 266 6.94 32.28 6.05
CA PRO B 266 7.70 33.26 5.25
C PRO B 266 7.01 34.61 5.21
N ARG B 267 7.81 35.67 5.25
CA ARG B 267 7.31 37.03 5.15
C ARG B 267 7.20 37.46 3.68
N SER B 268 6.22 38.31 3.41
CA SER B 268 5.94 38.72 2.03
C SER B 268 7.17 39.34 1.37
N GLU B 269 7.80 40.31 2.03
CA GLU B 269 8.95 40.98 1.43
C GLU B 269 10.11 40.02 1.21
N GLU B 270 10.37 39.14 2.18
CA GLU B 270 11.43 38.17 2.02
C GLU B 270 11.13 37.23 0.87
N VAL B 271 9.87 36.79 0.73
CA VAL B 271 9.51 35.92 -0.39
C VAL B 271 9.72 36.63 -1.72
N ALA B 272 9.34 37.90 -1.80
CA ALA B 272 9.53 38.65 -3.04
C ALA B 272 11.02 38.70 -3.41
N VAL B 273 11.86 39.06 -2.44
CA VAL B 273 13.29 39.18 -2.72
C VAL B 273 13.87 37.82 -3.12
N LEU B 274 13.52 36.77 -2.38
CA LEU B 274 14.07 35.45 -2.68
C LEU B 274 13.54 34.91 -4.00
N LYS B 275 12.30 35.23 -4.37
CA LYS B 275 11.79 34.80 -5.66
C LYS B 275 12.55 35.47 -6.79
N GLN B 276 12.84 36.77 -6.64
CA GLN B 276 13.68 37.44 -7.62
C GLN B 276 15.05 36.80 -7.71
N LYS B 277 15.65 36.46 -6.56
CA LYS B 277 16.95 35.78 -6.58
C LYS B 277 16.87 34.41 -7.25
N LEU B 278 15.82 33.65 -6.96
CA LEU B 278 15.65 32.32 -7.54
C LEU B 278 15.47 32.40 -9.04
N GLU B 279 14.67 33.37 -9.50
CA GLU B 279 14.48 33.60 -10.93
C GLU B 279 15.79 33.97 -11.59
N ARG B 280 16.61 34.78 -10.93
CA ARG B 280 17.95 35.06 -11.44
C ARG B 280 18.78 33.79 -11.53
N CYS B 281 18.70 32.92 -10.50
CA CYS B 281 19.47 31.69 -10.49
C CYS B 281 19.09 30.79 -11.65
N HIS B 282 17.80 30.72 -11.98
CA HIS B 282 17.39 29.83 -13.05
C HIS B 282 17.52 30.47 -14.43
N SER B 283 17.47 31.79 -14.51
CA SER B 283 17.69 32.46 -15.78
C SER B 283 19.17 32.44 -16.15
N ALA B 284 20.04 32.71 -15.18
CA ALA B 284 21.48 32.73 -15.42
C ALA B 284 21.98 31.29 -15.59
N GLU B 285 23.30 31.15 -15.65
CA GLU B 285 23.95 29.85 -15.88
C GLU B 285 23.56 29.26 -17.22
N LYS C 13 24.04 1.16 -18.11
CA LYS C 13 23.62 1.03 -16.72
C LYS C 13 24.52 0.02 -16.01
N ARG C 14 24.17 -0.33 -14.77
CA ARG C 14 24.95 -1.30 -14.01
C ARG C 14 24.59 -2.74 -14.34
N TYR C 15 23.63 -2.95 -15.25
CA TYR C 15 23.17 -4.28 -15.63
C TYR C 15 23.42 -4.53 -17.10
N GLU C 16 23.84 -5.75 -17.42
CA GLU C 16 24.09 -6.16 -18.79
C GLU C 16 23.16 -7.31 -19.17
N LYS C 17 22.54 -7.21 -20.35
CA LYS C 17 21.61 -8.24 -20.81
C LYS C 17 22.33 -9.55 -21.04
N LEU C 18 21.64 -10.65 -20.72
CA LEU C 18 22.16 -12.00 -20.95
C LEU C 18 21.32 -12.78 -21.94
N ASP C 19 20.01 -12.82 -21.75
CA ASP C 19 19.10 -13.49 -22.67
C ASP C 19 17.73 -12.83 -22.58
N PHE C 20 16.92 -13.06 -23.61
CA PHE C 20 15.55 -12.56 -23.65
C PHE C 20 14.62 -13.56 -22.97
N LEU C 21 13.69 -13.05 -22.17
CA LEU C 21 12.83 -13.91 -21.34
C LEU C 21 11.38 -13.92 -21.80
N GLY C 22 10.76 -12.76 -22.00
CA GLY C 22 9.36 -12.73 -22.39
C GLY C 22 8.90 -11.32 -22.72
N GLU C 23 7.69 -11.25 -23.23
CA GLU C 23 7.09 -10.00 -23.69
C GLU C 23 5.64 -9.93 -23.23
N GLY C 24 5.24 -8.76 -22.72
CA GLY C 24 3.90 -8.58 -22.19
C GLY C 24 3.25 -7.32 -22.75
N GLN C 25 1.99 -7.13 -22.37
CA GLN C 25 1.27 -5.93 -22.78
C GLN C 25 1.91 -4.68 -22.20
N PHE C 26 2.41 -4.78 -20.97
CA PHE C 26 2.98 -3.63 -20.28
C PHE C 26 4.49 -3.53 -20.43
N ALA C 27 5.18 -4.63 -20.72
CA ALA C 27 6.64 -4.59 -20.67
C ALA C 27 7.24 -5.83 -21.32
N THR C 28 8.56 -5.80 -21.44
CA THR C 28 9.35 -6.95 -21.88
C THR C 28 10.30 -7.33 -20.76
N VAL C 29 10.67 -8.61 -20.68
CA VAL C 29 11.47 -9.11 -19.58
C VAL C 29 12.72 -9.75 -20.16
N TYR C 30 13.88 -9.42 -19.58
CA TYR C 30 15.12 -10.04 -19.98
C TYR C 30 15.99 -10.36 -18.76
N LYS C 31 16.76 -11.44 -18.89
CA LYS C 31 17.76 -11.79 -17.90
C LYS C 31 18.90 -10.77 -17.92
N ALA C 32 19.54 -10.58 -16.78
CA ALA C 32 20.64 -9.65 -16.68
C ALA C 32 21.56 -10.06 -15.53
N ARG C 33 22.73 -9.45 -15.50
CA ARG C 33 23.68 -9.62 -14.40
C ARG C 33 23.76 -8.32 -13.59
N ILE C 40 22.50 -12.41 -10.69
CA ILE C 40 21.65 -12.47 -11.88
C ILE C 40 20.22 -12.08 -11.51
N VAL C 41 19.65 -11.17 -12.30
CA VAL C 41 18.37 -10.56 -12.01
C VAL C 41 17.50 -10.62 -13.27
N ALA C 42 16.23 -10.30 -13.09
CA ALA C 42 15.27 -10.20 -14.18
C ALA C 42 14.83 -8.76 -14.29
N ILE C 43 15.00 -8.17 -15.46
CA ILE C 43 14.66 -6.78 -15.68
C ILE C 43 13.41 -6.72 -16.52
N LYS C 44 12.39 -6.07 -15.98
CA LYS C 44 11.16 -5.79 -16.69
C LYS C 44 11.25 -4.36 -17.21
N LYS C 45 11.61 -4.23 -18.48
CA LYS C 45 11.68 -2.93 -19.14
C LYS C 45 10.31 -2.53 -19.67
N LYS C 55 1.58 11.34 -23.10
CA LYS C 55 1.46 12.40 -22.10
C LYS C 55 1.06 11.84 -20.73
N ASP C 56 0.96 10.52 -20.63
CA ASP C 56 0.60 9.90 -19.36
C ASP C 56 1.75 9.95 -18.37
N GLY C 57 3.00 9.95 -18.85
CA GLY C 57 4.14 9.86 -17.97
C GLY C 57 4.49 8.41 -17.66
N ILE C 58 5.12 8.19 -16.51
CA ILE C 58 5.54 6.84 -16.14
C ILE C 58 4.32 5.93 -16.05
N ASN C 59 4.47 4.71 -16.55
CA ASN C 59 3.37 3.77 -16.60
C ASN C 59 2.87 3.44 -15.20
N ARG C 60 1.55 3.49 -15.01
CA ARG C 60 0.96 3.30 -13.69
C ARG C 60 1.17 1.89 -13.17
N THR C 61 1.23 0.89 -14.05
CA THR C 61 1.47 -0.48 -13.59
C THR C 61 2.87 -0.64 -13.00
N ALA C 62 3.87 -0.06 -13.66
CA ALA C 62 5.23 -0.08 -13.12
C ALA C 62 5.30 0.66 -11.79
N LEU C 63 4.63 1.81 -11.68
CA LEU C 63 4.62 2.56 -10.43
C LEU C 63 3.91 1.78 -9.33
N ARG C 64 2.83 1.08 -9.67
CA ARG C 64 2.14 0.25 -8.70
C ARG C 64 3.06 -0.84 -8.16
N GLU C 65 3.77 -1.51 -9.07
CA GLU C 65 4.72 -2.53 -8.63
C GLU C 65 5.80 -1.91 -7.74
N ILE C 66 6.32 -0.75 -8.12
CA ILE C 66 7.38 -0.11 -7.34
C ILE C 66 6.86 0.25 -5.95
N LYS C 67 5.75 0.98 -5.89
CA LYS C 67 5.25 1.50 -4.63
C LYS C 67 4.86 0.39 -3.67
N LEU C 68 4.35 -0.73 -4.18
CA LEU C 68 3.96 -1.80 -3.27
C LEU C 68 5.16 -2.66 -2.88
N LEU C 69 6.00 -3.04 -3.84
CA LEU C 69 7.09 -3.93 -3.50
C LEU C 69 8.17 -3.26 -2.66
N GLN C 70 8.25 -1.92 -2.68
CA GLN C 70 9.20 -1.27 -1.79
C GLN C 70 8.84 -1.43 -0.33
N GLU C 71 7.56 -1.66 -0.03
CA GLU C 71 7.07 -1.76 1.34
C GLU C 71 6.90 -3.19 1.82
N LEU C 72 7.27 -4.18 1.02
CA LEU C 72 7.02 -5.58 1.34
C LEU C 72 8.33 -6.35 1.32
N SER C 73 8.57 -7.12 2.37
CA SER C 73 9.77 -7.96 2.45
C SER C 73 9.35 -9.28 3.08
N HIS C 74 9.25 -10.33 2.26
CA HIS C 74 8.85 -11.64 2.72
C HIS C 74 9.42 -12.68 1.76
N PRO C 75 9.80 -13.86 2.25
CA PRO C 75 10.41 -14.86 1.37
C PRO C 75 9.53 -15.31 0.22
N ASN C 76 8.20 -15.23 0.35
CA ASN C 76 7.28 -15.68 -0.68
C ASN C 76 6.64 -14.54 -1.43
N ILE C 77 7.32 -13.41 -1.50
CA ILE C 77 6.88 -12.25 -2.26
C ILE C 77 8.07 -11.79 -3.10
N ILE C 78 7.81 -11.51 -4.38
CA ILE C 78 8.89 -11.18 -5.30
C ILE C 78 9.64 -9.94 -4.79
N GLY C 79 10.97 -10.02 -4.81
CA GLY C 79 11.78 -8.92 -4.33
C GLY C 79 12.13 -7.93 -5.41
N LEU C 80 11.81 -6.66 -5.18
CA LEU C 80 12.21 -5.58 -6.07
C LEU C 80 13.55 -5.04 -5.59
N LEU C 81 14.58 -5.24 -6.41
CA LEU C 81 15.94 -4.86 -6.05
C LEU C 81 16.31 -3.45 -6.49
N ASP C 82 15.87 -3.03 -7.67
CA ASP C 82 16.26 -1.73 -8.20
C ASP C 82 15.22 -1.31 -9.24
N ALA C 83 15.17 0.00 -9.50
CA ALA C 83 14.38 0.57 -10.58
C ALA C 83 15.13 1.75 -11.18
N PHE C 84 14.98 1.94 -12.49
CA PHE C 84 15.72 2.98 -13.21
C PHE C 84 15.09 3.15 -14.59
N GLY C 85 15.58 4.16 -15.30
CA GLY C 85 15.12 4.40 -16.66
C GLY C 85 15.53 5.78 -17.15
N HIS C 86 14.84 6.23 -18.20
CA HIS C 86 15.05 7.55 -18.77
C HIS C 86 13.71 8.13 -19.17
N LYS C 87 13.53 9.43 -18.93
CA LYS C 87 12.31 10.14 -19.28
C LYS C 87 11.09 9.44 -18.70
N SER C 88 10.19 8.96 -19.56
CA SER C 88 9.01 8.24 -19.12
C SER C 88 9.14 6.73 -19.25
N ASN C 89 10.29 6.23 -19.67
CA ASN C 89 10.51 4.80 -19.83
C ASN C 89 11.27 4.27 -18.61
N ILE C 90 10.70 3.28 -17.94
CA ILE C 90 11.22 2.80 -16.67
C ILE C 90 11.45 1.30 -16.75
N SER C 91 12.44 0.84 -16.00
CA SER C 91 12.78 -0.58 -15.90
C SER C 91 12.83 -0.98 -14.43
N LEU C 92 12.25 -2.13 -14.11
CA LEU C 92 12.27 -2.66 -12.75
C LEU C 92 13.19 -3.86 -12.68
N VAL C 93 13.91 -4.01 -11.57
CA VAL C 93 14.82 -5.12 -11.38
C VAL C 93 14.25 -6.02 -10.28
N PHE C 94 14.13 -7.31 -10.59
CA PHE C 94 13.62 -8.29 -9.65
C PHE C 94 14.63 -9.42 -9.53
N ASP C 95 14.47 -10.21 -8.47
CA ASP C 95 15.15 -11.49 -8.43
C ASP C 95 14.74 -12.31 -9.66
N PHE C 96 15.68 -13.06 -10.20
CA PHE C 96 15.40 -13.89 -11.36
C PHE C 96 14.87 -15.25 -10.91
N MET C 97 13.71 -15.61 -11.41
CA MET C 97 13.08 -16.89 -11.11
C MET C 97 13.28 -17.87 -12.26
N GLU C 98 13.17 -19.16 -11.94
CA GLU C 98 13.37 -20.19 -12.95
C GLU C 98 12.09 -20.54 -13.69
N THR C 99 11.00 -20.82 -12.96
CA THR C 99 9.78 -21.32 -13.57
C THR C 99 8.59 -20.63 -12.91
N ASP C 100 7.40 -21.13 -13.23
CA ASP C 100 6.18 -20.70 -12.56
C ASP C 100 5.28 -21.92 -12.37
N LEU C 101 4.18 -21.72 -11.65
CA LEU C 101 3.28 -22.84 -11.40
C LEU C 101 2.57 -23.30 -12.67
N GLU C 102 2.36 -22.40 -13.63
CA GLU C 102 1.70 -22.79 -14.87
C GLU C 102 2.54 -23.80 -15.64
N VAL C 103 3.86 -23.59 -15.67
CA VAL C 103 4.77 -24.49 -16.37
C VAL C 103 4.74 -25.87 -15.72
N ILE C 104 4.82 -25.92 -14.39
CA ILE C 104 4.81 -27.20 -13.69
C ILE C 104 3.47 -27.91 -13.91
N ILE C 105 2.37 -27.18 -13.78
CA ILE C 105 1.05 -27.76 -13.97
C ILE C 105 0.93 -28.35 -15.38
N LYS C 106 1.34 -27.59 -16.39
CA LYS C 106 1.22 -28.01 -17.77
C LYS C 106 2.26 -29.06 -18.17
N ASP C 107 3.26 -29.31 -17.34
CA ASP C 107 4.29 -30.31 -17.64
C ASP C 107 3.75 -31.69 -17.28
N ASN C 108 3.55 -32.54 -18.28
CA ASN C 108 3.03 -33.88 -18.04
C ASN C 108 4.10 -34.84 -17.56
N SER C 109 5.37 -34.49 -17.69
CA SER C 109 6.46 -35.31 -17.20
C SER C 109 6.75 -35.10 -15.72
N LEU C 110 5.96 -34.27 -15.04
CA LEU C 110 6.11 -34.02 -13.61
C LEU C 110 4.88 -34.56 -12.88
N VAL C 111 5.10 -35.43 -11.90
CA VAL C 111 4.03 -35.90 -11.03
C VAL C 111 3.91 -34.95 -9.85
N LEU C 112 2.72 -34.38 -9.65
CA LEU C 112 2.46 -33.48 -8.54
C LEU C 112 1.93 -34.30 -7.37
N THR C 113 2.84 -34.81 -6.53
CA THR C 113 2.45 -35.57 -5.36
C THR C 113 1.72 -34.68 -4.36
N PRO C 114 0.97 -35.27 -3.42
CA PRO C 114 0.31 -34.44 -2.40
C PRO C 114 1.27 -33.57 -1.60
N SER C 115 2.49 -34.04 -1.34
CA SER C 115 3.47 -33.21 -0.64
C SER C 115 3.86 -31.98 -1.46
N HIS C 116 4.08 -32.15 -2.77
CA HIS C 116 4.39 -30.99 -3.62
C HIS C 116 3.24 -30.00 -3.62
N ILE C 117 2.01 -30.51 -3.77
CA ILE C 117 0.85 -29.63 -3.77
C ILE C 117 0.76 -28.87 -2.45
N LYS C 118 0.97 -29.57 -1.34
CA LYS C 118 0.90 -28.91 -0.05
C LYS C 118 1.99 -27.85 0.08
N ALA C 119 3.20 -28.13 -0.42
CA ALA C 119 4.29 -27.16 -0.35
C ALA C 119 3.97 -25.90 -1.15
N TYR C 120 3.49 -26.07 -2.38
CA TYR C 120 3.10 -24.92 -3.19
C TYR C 120 2.00 -24.11 -2.51
N MET C 121 0.98 -24.80 -2.00
CA MET C 121 -0.11 -24.11 -1.32
C MET C 121 0.39 -23.38 -0.08
N LEU C 122 1.33 -23.99 0.64
CA LEU C 122 1.85 -23.39 1.86
C LEU C 122 2.59 -22.09 1.55
N MET C 123 3.49 -22.12 0.57
CA MET C 123 4.22 -20.91 0.22
C MET C 123 3.29 -19.83 -0.30
N THR C 124 2.34 -20.21 -1.17
CA THR C 124 1.36 -19.26 -1.66
C THR C 124 0.59 -18.62 -0.51
N LEU C 125 0.14 -19.44 0.44
CA LEU C 125 -0.65 -18.93 1.55
C LEU C 125 0.19 -18.11 2.53
N GLN C 126 1.47 -18.44 2.71
CA GLN C 126 2.31 -17.66 3.62
C GLN C 126 2.59 -16.29 3.03
N GLY C 127 2.96 -16.24 1.75
CA GLY C 127 3.08 -14.95 1.09
C GLY C 127 1.79 -14.17 1.12
N LEU C 128 0.66 -14.85 0.90
CA LEU C 128 -0.63 -14.19 0.90
C LEU C 128 -1.02 -13.71 2.29
N GLU C 129 -0.67 -14.47 3.34
CA GLU C 129 -0.95 -14.04 4.69
C GLU C 129 -0.15 -12.78 5.02
N TYR C 130 1.12 -12.76 4.65
CA TYR C 130 1.93 -11.55 4.82
C TYR C 130 1.32 -10.38 4.06
N LEU C 131 0.95 -10.60 2.80
CA LEU C 131 0.38 -9.52 1.99
C LEU C 131 -0.92 -9.01 2.56
N HIS C 132 -1.82 -9.92 2.96
CA HIS C 132 -3.10 -9.51 3.51
C HIS C 132 -2.92 -8.78 4.84
N GLN C 133 -1.98 -9.22 5.67
CA GLN C 133 -1.71 -8.53 6.92
C GLN C 133 -1.31 -7.08 6.68
N HIS C 134 -0.60 -6.81 5.58
CA HIS C 134 -0.27 -5.45 5.21
C HIS C 134 -1.33 -4.82 4.32
N TRP C 135 -2.54 -5.37 4.34
CA TRP C 135 -3.71 -4.78 3.71
C TRP C 135 -3.51 -4.54 2.21
N ILE C 136 -2.96 -5.55 1.53
CA ILE C 136 -2.82 -5.53 0.09
C ILE C 136 -3.42 -6.81 -0.49
N LEU C 137 -4.23 -6.67 -1.54
CA LEU C 137 -4.73 -7.78 -2.33
C LEU C 137 -3.89 -7.92 -3.59
N HIS C 138 -3.56 -9.16 -3.96
CA HIS C 138 -2.81 -9.39 -5.18
C HIS C 138 -3.67 -9.14 -6.41
N ARG C 139 -4.85 -9.76 -6.47
CA ARG C 139 -5.87 -9.57 -7.51
C ARG C 139 -5.46 -10.09 -8.88
N ASP C 140 -4.36 -10.82 -8.98
CA ASP C 140 -3.97 -11.41 -10.24
C ASP C 140 -3.40 -12.80 -10.04
N LEU C 141 -3.90 -13.52 -9.03
CA LEU C 141 -3.35 -14.82 -8.71
C LEU C 141 -3.71 -15.83 -9.79
N LYS C 142 -2.70 -16.56 -10.24
CA LYS C 142 -2.82 -17.61 -11.23
C LYS C 142 -1.48 -18.31 -11.31
N PRO C 143 -1.44 -19.53 -11.87
CA PRO C 143 -0.19 -20.29 -11.81
C PRO C 143 1.02 -19.59 -12.41
N ASN C 144 0.84 -18.77 -13.46
CA ASN C 144 2.01 -18.11 -14.03
C ASN C 144 2.48 -16.92 -13.21
N ASN C 145 1.67 -16.41 -12.29
CA ASN C 145 2.09 -15.36 -11.38
C ASN C 145 2.67 -15.90 -10.07
N LEU C 146 2.81 -17.22 -9.94
CA LEU C 146 3.47 -17.84 -8.80
C LEU C 146 4.80 -18.40 -9.32
N LEU C 147 5.88 -17.67 -9.08
CA LEU C 147 7.17 -18.01 -9.66
C LEU C 147 7.99 -18.83 -8.68
N LEU C 148 8.80 -19.72 -9.21
CA LEU C 148 9.70 -20.55 -8.41
C LEU C 148 11.14 -20.21 -8.76
N ASP C 149 11.98 -20.08 -7.75
CA ASP C 149 13.40 -19.92 -8.03
C ASP C 149 14.06 -21.30 -8.04
N GLU C 150 15.38 -21.31 -8.23
CA GLU C 150 16.12 -22.56 -8.28
C GLU C 150 16.12 -23.29 -6.94
N ASN C 151 15.93 -22.57 -5.84
CA ASN C 151 15.86 -23.18 -4.52
C ASN C 151 14.47 -23.72 -4.20
N GLY C 152 13.50 -23.50 -5.08
CA GLY C 152 12.15 -23.98 -4.83
C GLY C 152 11.34 -23.07 -3.93
N VAL C 153 11.69 -21.80 -3.85
CA VAL C 153 10.92 -20.84 -3.09
C VAL C 153 9.90 -20.21 -4.02
N LEU C 154 8.63 -20.37 -3.69
CA LEU C 154 7.55 -19.76 -4.45
C LEU C 154 7.36 -18.32 -4.02
N LYS C 155 7.21 -17.44 -5.00
CA LYS C 155 6.99 -16.01 -4.74
C LYS C 155 5.81 -15.54 -5.57
N LEU C 156 4.90 -14.84 -4.90
CA LEU C 156 3.90 -14.08 -5.63
C LEU C 156 4.59 -12.99 -6.44
N ALA C 157 4.16 -12.82 -7.69
CA ALA C 157 4.77 -11.83 -8.56
C ALA C 157 3.65 -11.11 -9.32
N ASP C 158 4.06 -10.16 -10.17
CA ASP C 158 3.14 -9.41 -11.01
C ASP C 158 2.11 -8.63 -10.16
N PHE C 159 2.63 -7.65 -9.44
CA PHE C 159 1.81 -6.79 -8.60
C PHE C 159 1.23 -5.60 -9.37
N GLY C 160 1.12 -5.71 -10.69
CA GLY C 160 0.55 -4.64 -11.48
C GLY C 160 -0.93 -4.42 -11.26
N LEU C 161 -1.63 -5.40 -10.71
CA LEU C 161 -3.03 -5.23 -10.37
C LEU C 161 -3.27 -5.14 -8.86
N ALA C 162 -2.24 -5.39 -8.05
CA ALA C 162 -2.37 -5.37 -6.60
C ALA C 162 -2.83 -4.01 -6.11
N LYS C 163 -3.63 -4.03 -5.04
CA LYS C 163 -4.17 -2.80 -4.48
C LYS C 163 -4.39 -3.00 -2.99
N SER C 164 -4.13 -1.95 -2.22
CA SER C 164 -4.42 -1.98 -0.80
C SER C 164 -5.92 -2.08 -0.58
N PHE C 165 -6.31 -2.72 0.52
CA PHE C 165 -7.72 -2.89 0.83
C PHE C 165 -7.96 -2.57 2.30
N GLY C 166 -9.22 -2.35 2.63
CA GLY C 166 -9.65 -1.99 3.98
C GLY C 166 -10.23 -0.59 4.10
N SER C 167 -9.89 0.31 3.18
CA SER C 167 -10.44 1.65 3.22
C SER C 167 -11.94 1.63 2.88
N PRO C 168 -12.76 2.44 3.57
CA PRO C 168 -14.21 2.41 3.30
C PRO C 168 -14.63 3.27 2.11
N ASN C 169 -13.91 4.34 1.83
CA ASN C 169 -14.31 5.29 0.80
C ASN C 169 -13.71 5.01 -0.56
N ARG C 170 -12.85 4.00 -0.69
CA ARG C 170 -12.26 3.66 -1.97
C ARG C 170 -13.12 2.63 -2.69
N ALA C 171 -13.20 2.75 -4.01
CA ALA C 171 -13.93 1.81 -4.85
C ALA C 171 -12.97 1.16 -5.84
N TYR C 172 -13.12 -0.15 -6.03
CA TYR C 172 -12.29 -0.91 -6.95
C TYR C 172 -13.10 -1.31 -8.17
N THR C 173 -12.45 -2.02 -9.09
CA THR C 173 -13.10 -2.53 -10.29
C THR C 173 -13.30 -4.03 -10.17
N HIS C 174 -14.35 -4.53 -10.81
CA HIS C 174 -14.70 -5.94 -10.75
C HIS C 174 -14.12 -6.77 -11.88
N GLN C 175 -13.32 -6.18 -12.77
CA GLN C 175 -12.70 -6.91 -13.87
C GLN C 175 -11.39 -7.59 -13.47
N VAL C 176 -10.98 -7.47 -12.22
CA VAL C 176 -9.68 -7.97 -11.77
C VAL C 176 -9.69 -9.49 -11.77
N VAL C 177 -8.49 -10.07 -11.68
CA VAL C 177 -8.25 -11.51 -11.72
C VAL C 177 -8.55 -12.06 -13.10
N THR C 178 -7.72 -12.99 -13.58
CA THR C 178 -8.02 -13.72 -14.79
C THR C 178 -9.36 -14.43 -14.62
N ARG C 179 -10.15 -14.49 -15.71
CA ARG C 179 -11.53 -14.93 -15.59
C ARG C 179 -11.61 -16.35 -15.03
N TRP C 180 -10.70 -17.23 -15.44
CA TRP C 180 -10.75 -18.61 -14.97
C TRP C 180 -10.59 -18.69 -13.46
N TYR C 181 -9.90 -17.72 -12.86
CA TYR C 181 -9.62 -17.68 -11.44
C TYR C 181 -10.40 -16.58 -10.73
N ARG C 182 -11.36 -15.98 -11.41
CA ARG C 182 -12.15 -14.92 -10.81
C ARG C 182 -13.19 -15.51 -9.86
N ALA C 183 -13.38 -14.84 -8.71
CA ALA C 183 -14.33 -15.22 -7.70
C ALA C 183 -15.75 -14.85 -8.13
N PRO C 184 -16.76 -15.62 -7.70
CA PRO C 184 -18.14 -15.29 -8.12
C PRO C 184 -18.59 -13.92 -7.66
N GLU C 185 -18.07 -13.40 -6.54
CA GLU C 185 -18.42 -12.05 -6.16
C GLU C 185 -17.89 -11.04 -7.17
N LEU C 186 -16.69 -11.28 -7.70
CA LEU C 186 -16.17 -10.42 -8.77
C LEU C 186 -17.02 -10.53 -10.03
N LEU C 187 -17.35 -11.76 -10.43
CA LEU C 187 -18.15 -11.97 -11.62
C LEU C 187 -19.54 -11.37 -11.50
N PHE C 188 -20.04 -11.18 -10.28
CA PHE C 188 -21.34 -10.56 -10.08
C PHE C 188 -21.25 -9.06 -9.91
N GLY C 189 -20.07 -8.47 -10.03
CA GLY C 189 -19.92 -7.04 -10.02
C GLY C 189 -19.53 -6.39 -8.70
N ALA C 190 -18.98 -7.16 -7.75
CA ALA C 190 -18.56 -6.59 -6.47
C ALA C 190 -17.49 -5.52 -6.68
N ARG C 191 -17.82 -4.27 -6.34
CA ARG C 191 -16.81 -3.21 -6.35
C ARG C 191 -15.95 -3.27 -5.09
N MET C 192 -16.58 -3.42 -3.93
CA MET C 192 -15.87 -3.56 -2.67
C MET C 192 -15.75 -5.03 -2.34
N TYR C 193 -14.53 -5.46 -2.01
CA TYR C 193 -14.29 -6.84 -1.65
C TYR C 193 -13.09 -6.88 -0.72
N GLY C 194 -12.72 -8.10 -0.32
CA GLY C 194 -11.60 -8.31 0.57
C GLY C 194 -10.74 -9.45 0.07
N VAL C 195 -10.12 -10.15 1.03
CA VAL C 195 -9.17 -11.20 0.69
C VAL C 195 -9.83 -12.38 0.00
N GLY C 196 -11.17 -12.42 -0.04
CA GLY C 196 -11.85 -13.52 -0.71
C GLY C 196 -11.50 -13.66 -2.17
N VAL C 197 -11.15 -12.56 -2.84
CA VAL C 197 -10.78 -12.65 -4.25
C VAL C 197 -9.50 -13.47 -4.40
N ASP C 198 -8.50 -13.18 -3.56
CA ASP C 198 -7.25 -13.93 -3.61
C ASP C 198 -7.47 -15.37 -3.18
N MET C 199 -8.28 -15.60 -2.14
CA MET C 199 -8.50 -16.97 -1.68
C MET C 199 -9.27 -17.80 -2.70
N TRP C 200 -10.26 -17.21 -3.37
CA TRP C 200 -10.95 -17.95 -4.42
C TRP C 200 -9.98 -18.28 -5.55
N ALA C 201 -9.14 -17.32 -5.94
CA ALA C 201 -8.12 -17.65 -6.93
C ALA C 201 -7.20 -18.74 -6.42
N VAL C 202 -6.92 -18.76 -5.12
CA VAL C 202 -6.08 -19.79 -4.54
C VAL C 202 -6.76 -21.15 -4.65
N GLY C 203 -8.07 -21.19 -4.39
CA GLY C 203 -8.81 -22.42 -4.57
C GLY C 203 -8.77 -22.92 -6.01
N CYS C 204 -8.91 -21.99 -6.97
CA CYS C 204 -8.81 -22.36 -8.37
C CYS C 204 -7.42 -22.89 -8.71
N ILE C 205 -6.38 -22.26 -8.16
CA ILE C 205 -5.02 -22.73 -8.40
C ILE C 205 -4.84 -24.12 -7.81
N LEU C 206 -5.39 -24.35 -6.62
CA LEU C 206 -5.31 -25.67 -6.00
C LEU C 206 -6.02 -26.72 -6.85
N ALA C 207 -7.20 -26.38 -7.36
CA ALA C 207 -7.93 -27.31 -8.22
C ALA C 207 -7.16 -27.60 -9.51
N GLU C 208 -6.54 -26.58 -10.08
CA GLU C 208 -5.71 -26.78 -11.27
C GLU C 208 -4.52 -27.67 -10.96
N LEU C 209 -3.93 -27.52 -9.77
CA LEU C 209 -2.84 -28.40 -9.36
C LEU C 209 -3.32 -29.84 -9.24
N LEU C 210 -4.53 -30.04 -8.75
CA LEU C 210 -5.03 -31.39 -8.56
C LEU C 210 -5.41 -32.06 -9.88
N LEU C 211 -6.04 -31.29 -10.77
CA LEU C 211 -6.55 -31.83 -12.03
C LEU C 211 -5.59 -31.65 -13.20
N ARG C 212 -4.55 -30.83 -13.06
CA ARG C 212 -3.58 -30.51 -14.11
C ARG C 212 -4.21 -29.79 -15.30
N VAL C 213 -5.46 -29.35 -15.17
CA VAL C 213 -6.12 -28.52 -16.17
C VAL C 213 -6.88 -27.42 -15.44
N PRO C 214 -7.14 -26.31 -16.11
CA PRO C 214 -7.91 -25.23 -15.48
C PRO C 214 -9.24 -25.75 -14.96
N PHE C 215 -9.54 -25.41 -13.72
CA PHE C 215 -10.74 -25.94 -13.07
C PHE C 215 -11.99 -25.46 -13.77
N LEU C 216 -12.11 -24.15 -13.98
CA LEU C 216 -13.33 -23.53 -14.49
C LEU C 216 -13.00 -22.68 -15.71
N PRO C 217 -12.74 -23.34 -16.85
CA PRO C 217 -12.29 -22.63 -18.07
C PRO C 217 -13.43 -21.99 -18.84
N GLY C 218 -13.92 -20.85 -18.33
CA GLY C 218 -14.96 -20.14 -19.00
C GLY C 218 -14.47 -19.32 -20.17
N ASP C 219 -15.39 -19.06 -21.11
CA ASP C 219 -15.13 -18.22 -22.27
C ASP C 219 -15.70 -16.82 -22.14
N SER C 220 -16.56 -16.58 -21.15
CA SER C 220 -17.14 -15.28 -20.91
C SER C 220 -17.46 -15.19 -19.44
N ASP C 221 -17.83 -14.00 -18.98
CA ASP C 221 -18.26 -13.87 -17.59
C ASP C 221 -19.48 -14.72 -17.31
N LEU C 222 -20.45 -14.71 -18.23
CA LEU C 222 -21.63 -15.55 -18.06
C LEU C 222 -21.28 -17.02 -18.07
N ASP C 223 -20.40 -17.44 -18.99
CA ASP C 223 -19.98 -18.84 -19.01
C ASP C 223 -19.15 -19.20 -17.78
N GLN C 224 -18.34 -18.26 -17.27
CA GLN C 224 -17.59 -18.54 -16.06
C GLN C 224 -18.53 -18.79 -14.88
N LEU C 225 -19.54 -17.93 -14.71
CA LEU C 225 -20.52 -18.14 -13.64
C LEU C 225 -21.29 -19.44 -13.84
N THR C 226 -21.63 -19.76 -15.09
CA THR C 226 -22.33 -21.00 -15.39
C THR C 226 -21.50 -22.21 -15.00
N ARG C 227 -20.20 -22.20 -15.35
CA ARG C 227 -19.34 -23.32 -14.97
C ARG C 227 -19.18 -23.41 -13.47
N ILE C 228 -19.08 -22.26 -12.80
CA ILE C 228 -18.96 -22.24 -11.35
C ILE C 228 -20.15 -22.93 -10.72
N PHE C 229 -21.36 -22.55 -11.14
CA PHE C 229 -22.56 -23.08 -10.52
C PHE C 229 -22.85 -24.51 -10.97
N GLU C 230 -22.48 -24.88 -12.20
CA GLU C 230 -22.64 -26.26 -12.64
C GLU C 230 -21.74 -27.20 -11.86
N THR C 231 -20.51 -26.78 -11.55
CA THR C 231 -19.60 -27.64 -10.82
C THR C 231 -19.88 -27.62 -9.32
N LEU C 232 -20.12 -26.44 -8.74
CA LEU C 232 -20.22 -26.26 -7.30
C LEU C 232 -21.65 -26.12 -6.80
N GLY C 233 -22.64 -26.20 -7.67
CA GLY C 233 -24.01 -25.98 -7.26
C GLY C 233 -24.37 -24.51 -7.28
N THR C 234 -25.59 -24.19 -7.66
CA THR C 234 -26.01 -22.79 -7.66
C THR C 234 -26.16 -22.33 -6.21
N PRO C 235 -25.51 -21.25 -5.81
CA PRO C 235 -25.64 -20.78 -4.42
C PRO C 235 -27.05 -20.31 -4.15
N THR C 236 -27.45 -20.45 -2.90
CA THR C 236 -28.75 -19.98 -2.44
C THR C 236 -28.56 -18.83 -1.47
N GLU C 237 -29.68 -18.19 -1.13
CA GLU C 237 -29.65 -17.07 -0.19
C GLU C 237 -29.10 -17.49 1.17
N GLU C 238 -29.16 -18.77 1.51
CA GLU C 238 -28.64 -19.22 2.79
C GLU C 238 -27.11 -19.20 2.81
N GLN C 239 -26.47 -19.69 1.76
CA GLN C 239 -25.02 -19.77 1.73
C GLN C 239 -24.35 -18.49 1.21
N TRP C 240 -25.13 -17.46 0.90
CA TRP C 240 -24.65 -16.19 0.40
C TRP C 240 -25.75 -15.17 0.62
N PRO C 241 -25.90 -14.67 1.85
CA PRO C 241 -27.15 -13.96 2.21
C PRO C 241 -27.45 -12.73 1.39
N ASP C 242 -26.44 -12.01 0.91
CA ASP C 242 -26.66 -10.80 0.13
C ASP C 242 -26.27 -10.99 -1.33
N MET C 243 -26.37 -12.23 -1.84
CA MET C 243 -26.04 -12.52 -3.23
C MET C 243 -26.74 -11.58 -4.19
N CYS C 244 -28.06 -11.43 -4.04
CA CYS C 244 -28.87 -10.66 -4.97
C CYS C 244 -28.57 -9.17 -4.96
N SER C 245 -27.83 -8.67 -3.97
CA SER C 245 -27.55 -7.24 -3.92
C SER C 245 -26.37 -6.81 -4.78
N LEU C 246 -25.64 -7.75 -5.38
CA LEU C 246 -24.50 -7.39 -6.21
C LEU C 246 -24.97 -6.82 -7.55
N PRO C 247 -24.20 -5.89 -8.15
CA PRO C 247 -24.72 -5.12 -9.30
C PRO C 247 -25.10 -5.99 -10.48
N ASP C 248 -24.15 -6.77 -10.98
CA ASP C 248 -24.39 -7.64 -12.12
C ASP C 248 -24.80 -9.04 -11.67
N TYR C 249 -25.77 -9.11 -10.76
CA TYR C 249 -26.33 -10.39 -10.35
C TYR C 249 -27.50 -10.72 -11.27
N VAL C 250 -27.57 -11.98 -11.70
CA VAL C 250 -28.69 -12.46 -12.49
C VAL C 250 -29.01 -13.87 -12.02
N THR C 251 -30.30 -14.19 -11.94
CA THR C 251 -30.73 -15.50 -11.47
C THR C 251 -30.33 -16.57 -12.48
N PHE C 252 -29.83 -17.69 -11.96
CA PHE C 252 -29.39 -18.81 -12.78
C PHE C 252 -30.27 -20.03 -12.52
N LYS C 253 -30.11 -21.04 -13.37
CA LYS C 253 -30.68 -22.34 -13.07
C LYS C 253 -30.05 -22.89 -11.78
N SER C 254 -30.85 -23.63 -11.02
CA SER C 254 -30.42 -24.17 -9.73
C SER C 254 -29.70 -25.50 -9.96
N PHE C 255 -28.42 -25.39 -10.30
CA PHE C 255 -27.64 -26.59 -10.54
C PHE C 255 -27.33 -27.31 -9.24
N PRO C 256 -27.34 -28.65 -9.24
CA PRO C 256 -26.99 -29.38 -8.01
C PRO C 256 -25.51 -29.40 -7.70
N GLY C 257 -24.65 -29.16 -8.69
CA GLY C 257 -23.22 -29.26 -8.49
C GLY C 257 -22.77 -30.70 -8.39
N ILE C 258 -21.46 -30.87 -8.32
CA ILE C 258 -20.88 -32.20 -8.24
C ILE C 258 -20.24 -32.34 -6.86
N PRO C 259 -20.40 -33.48 -6.19
CA PRO C 259 -19.69 -33.67 -4.92
C PRO C 259 -18.20 -33.48 -5.09
N LEU C 260 -17.61 -32.73 -4.16
CA LEU C 260 -16.19 -32.39 -4.28
C LEU C 260 -15.32 -33.63 -4.35
N HIS C 261 -15.70 -34.69 -3.63
CA HIS C 261 -14.98 -35.96 -3.73
C HIS C 261 -15.14 -36.59 -5.11
N HIS C 262 -16.22 -36.28 -5.83
CA HIS C 262 -16.34 -36.73 -7.21
C HIS C 262 -15.44 -35.93 -8.14
N ILE C 263 -15.33 -34.61 -7.91
CA ILE C 263 -14.42 -33.79 -8.71
C ILE C 263 -12.97 -34.16 -8.42
N PHE C 264 -12.60 -34.24 -7.14
CA PHE C 264 -11.25 -34.55 -6.72
C PHE C 264 -11.29 -35.92 -6.07
N SER C 265 -11.19 -36.96 -6.88
CA SER C 265 -11.33 -38.32 -6.39
C SER C 265 -10.14 -38.76 -5.54
N ALA C 266 -9.00 -38.10 -5.68
CA ALA C 266 -7.81 -38.43 -4.91
C ALA C 266 -7.60 -37.50 -3.72
N ALA C 267 -8.51 -36.56 -3.49
CA ALA C 267 -8.39 -35.64 -2.36
C ALA C 267 -8.76 -36.34 -1.06
N GLY C 268 -7.93 -36.18 -0.05
CA GLY C 268 -8.29 -36.62 1.29
C GLY C 268 -9.31 -35.69 1.92
N ASP C 269 -9.84 -36.13 3.06
CA ASP C 269 -10.91 -35.38 3.72
C ASP C 269 -10.43 -34.00 4.17
N ASP C 270 -9.19 -33.91 4.67
CA ASP C 270 -8.66 -32.62 5.07
C ASP C 270 -8.49 -31.69 3.88
N LEU C 271 -7.98 -32.22 2.76
CA LEU C 271 -7.83 -31.41 1.55
C LEU C 271 -9.19 -31.00 1.01
N LEU C 272 -10.17 -31.90 1.07
CA LEU C 272 -11.52 -31.53 0.65
C LEU C 272 -12.09 -30.43 1.55
N ASP C 273 -11.78 -30.47 2.84
CA ASP C 273 -12.21 -29.40 3.75
C ASP C 273 -11.55 -28.08 3.37
N LEU C 274 -10.26 -28.10 3.04
CA LEU C 274 -9.58 -26.89 2.60
C LEU C 274 -10.22 -26.35 1.32
N ILE C 275 -10.46 -27.24 0.36
CA ILE C 275 -11.05 -26.84 -0.92
C ILE C 275 -12.42 -26.22 -0.70
N GLN C 276 -13.25 -26.88 0.10
CA GLN C 276 -14.58 -26.35 0.41
C GLN C 276 -14.48 -24.98 1.04
N GLY C 277 -13.56 -24.80 1.99
CA GLY C 277 -13.40 -23.49 2.61
C GLY C 277 -12.98 -22.43 1.60
N LEU C 278 -12.11 -22.79 0.66
CA LEU C 278 -11.67 -21.85 -0.35
C LEU C 278 -12.77 -21.55 -1.37
N PHE C 279 -13.68 -22.50 -1.59
CA PHE C 279 -14.72 -22.36 -2.59
C PHE C 279 -16.08 -22.06 -1.98
N LEU C 280 -16.12 -21.66 -0.71
CA LEU C 280 -17.34 -21.14 -0.14
C LEU C 280 -17.81 -19.93 -0.95
N PHE C 281 -19.10 -19.91 -1.28
CA PHE C 281 -19.62 -18.80 -2.07
C PHE C 281 -19.60 -17.49 -1.29
N ASN C 282 -19.92 -17.54 -0.01
CA ASN C 282 -19.91 -16.31 0.78
C ASN C 282 -18.47 -15.86 0.98
N PRO C 283 -18.08 -14.69 0.48
CA PRO C 283 -16.68 -14.26 0.66
C PRO C 283 -16.29 -14.08 2.12
N CYS C 284 -17.23 -13.65 2.96
CA CYS C 284 -16.93 -13.49 4.38
C CYS C 284 -16.63 -14.84 5.03
N ALA C 285 -17.42 -15.86 4.70
CA ALA C 285 -17.18 -17.19 5.25
C ALA C 285 -16.00 -17.90 4.59
N ARG C 286 -15.64 -17.50 3.38
CA ARG C 286 -14.49 -18.09 2.72
C ARG C 286 -13.26 -17.94 3.61
N ILE C 287 -12.49 -19.02 3.74
CA ILE C 287 -11.39 -19.02 4.69
C ILE C 287 -10.35 -17.98 4.30
N THR C 288 -9.76 -17.34 5.30
CA THR C 288 -8.66 -16.43 5.06
C THR C 288 -7.36 -17.21 4.94
N ALA C 289 -6.28 -16.50 4.59
CA ALA C 289 -4.99 -17.16 4.44
C ALA C 289 -4.52 -17.75 5.78
N THR C 290 -4.69 -17.00 6.87
CA THR C 290 -4.28 -17.51 8.17
C THR C 290 -5.14 -18.72 8.57
N GLN C 291 -6.45 -18.63 8.37
CA GLN C 291 -7.33 -19.75 8.69
C GLN C 291 -6.98 -20.96 7.85
N ALA C 292 -6.70 -20.75 6.56
CA ALA C 292 -6.25 -21.87 5.73
C ALA C 292 -4.97 -22.47 6.28
N LEU C 293 -4.01 -21.64 6.66
CA LEU C 293 -2.74 -22.15 7.19
C LEU C 293 -2.95 -22.93 8.47
N LYS C 294 -3.96 -22.57 9.26
CA LYS C 294 -4.25 -23.27 10.50
C LYS C 294 -5.04 -24.55 10.31
N MET C 295 -5.57 -24.79 9.10
CA MET C 295 -6.39 -25.98 8.88
C MET C 295 -5.57 -27.24 9.03
N LYS C 296 -6.25 -28.34 9.36
CA LYS C 296 -5.55 -29.59 9.63
C LYS C 296 -4.80 -30.09 8.42
N TYR C 297 -5.23 -29.73 7.21
CA TYR C 297 -4.57 -30.22 6.01
C TYR C 297 -3.08 -29.93 6.02
N PHE C 298 -2.70 -28.73 6.46
CA PHE C 298 -1.29 -28.36 6.43
C PHE C 298 -0.49 -28.99 7.56
N SER C 299 -1.14 -29.37 8.66
CA SER C 299 -0.43 -29.99 9.77
C SER C 299 -0.39 -31.51 9.69
N ASN C 300 -1.29 -32.13 8.92
CA ASN C 300 -1.32 -33.58 8.84
C ASN C 300 -0.17 -34.10 8.00
N ARG C 301 0.03 -35.40 8.06
CA ARG C 301 1.03 -36.04 7.22
C ARG C 301 0.47 -36.21 5.80
N PRO C 302 1.35 -36.17 4.79
CA PRO C 302 2.78 -35.87 4.86
C PRO C 302 3.02 -34.38 4.98
N GLY C 303 4.17 -33.95 5.49
CA GLY C 303 4.50 -32.55 5.52
C GLY C 303 4.83 -32.05 4.13
N PRO C 304 4.87 -30.73 3.97
CA PRO C 304 5.19 -30.16 2.66
C PRO C 304 6.59 -30.54 2.21
N THR C 305 6.75 -30.74 0.91
CA THR C 305 8.05 -31.04 0.35
C THR C 305 8.98 -29.85 0.57
N PRO C 306 10.23 -30.08 1.01
CA PRO C 306 11.18 -28.96 1.11
C PRO C 306 11.42 -28.33 -0.26
N GLY C 307 11.56 -27.01 -0.27
CA GLY C 307 11.67 -26.29 -1.54
C GLY C 307 12.74 -26.84 -2.45
N CYS C 308 13.84 -27.35 -1.88
CA CYS C 308 14.93 -27.89 -2.68
C CYS C 308 14.54 -29.16 -3.43
N GLN C 309 13.50 -29.86 -3.00
CA GLN C 309 13.09 -31.12 -3.61
C GLN C 309 11.83 -31.00 -4.46
N LEU C 310 11.29 -29.80 -4.63
CA LEU C 310 10.14 -29.62 -5.49
C LEU C 310 10.52 -29.91 -6.95
N PRO C 311 9.55 -30.37 -7.76
CA PRO C 311 9.89 -30.80 -9.12
C PRO C 311 10.40 -29.66 -9.99
N ARG C 312 11.38 -29.98 -10.83
CA ARG C 312 12.00 -29.02 -11.74
C ARG C 312 11.72 -29.40 -13.19
N PRO C 313 10.94 -28.61 -13.94
CA PRO C 313 10.68 -28.89 -15.35
C PRO C 313 11.88 -28.59 -16.24
C10 X2H D . 12.26 -17.06 -16.53
C13 X2H D . 8.90 -18.56 -15.51
C15 X2H D . 9.61 -19.57 -17.56
C17 X2H D . 10.41 -14.72 -16.79
C20 X2H D . 8.61 -14.38 -19.01
C21 X2H D . 7.57 -15.49 -18.82
C22 X2H D . 7.60 -16.48 -19.98
C24 X2H D . 5.81 -18.02 -19.03
C28 X2H D . 10.25 -13.08 -14.65
C01 X2H D . 9.47 -11.02 -11.49
C02 X2H D . 9.54 -11.17 -13.01
C03 X2H D . 10.08 -9.90 -13.68
C04 X2H D . 10.37 -12.37 -13.42
C05 X2H D . 11.38 -12.99 -12.71
C08 X2H D . 11.24 -14.88 -15.68
C11 X2H D . 10.98 -17.91 -16.52
C12 X2H D . 10.05 -17.79 -15.50
C14 X2H D . 8.68 -19.45 -16.55
C16 X2H D . 10.76 -18.80 -17.56
C18 X2H D . 9.49 -13.68 -16.76
C23 X2H D . 7.25 -17.90 -19.55
C25 X2H D . 5.33 -19.46 -19.00
N06 X2H D . 11.84 -13.99 -13.43
N07 X2H D . 11.11 -14.04 -14.64
N09 X2H D . 12.23 -15.94 -15.61
N19 X2H D . 8.59 -13.46 -17.88
N26 X2H D . 4.20 -19.60 -18.10
N27 X2H D . 9.41 -12.89 -15.70
#